data_5SO7
#
_entry.id   5SO7
#
_cell.length_a   137.996
_cell.length_b   65.740
_cell.length_c   84.442
_cell.angle_alpha   90.000
_cell.angle_beta   93.700
_cell.angle_gamma   90.000
#
_symmetry.space_group_name_H-M   'C 1 2 1'
#
loop_
_entity.id
_entity.type
_entity.pdbx_description
1 polymer '3-oxoacyl-[acyl-carrier-protein] synthase 2'
2 non-polymer 6-(ethylamino)pyridine-3-carbonitrile
3 non-polymer 'DIMETHYL SULFOXIDE'
4 non-polymer 'PHOSPHATE ION'
5 water water
#
_entity_poly.entity_id   1
_entity_poly.type   'polypeptide(L)'
_entity_poly.pdbx_seq_one_letter_code
;MSRRRVVITGMGMLSPLGLDVPSSWEGILAGRSGIAPIEHMDLSAYSTRFGGSVKGFNVEEYLSAKEARKLDLFIQYGLA
ASFQAVRDSGLEVTDANRERIGVSMGSGIGGLTNIENNCRSLFEQGPRRISPFFVPGSIINMVSGFLSIHLGLQGPNYAL
TTAQTTGTHSIGMAARNIAYGEADVMVAGGSEMAACGLGLGGFGAARALSTRNDEPTRASRPWDRDRDGFVLSDGSGALV
LEELEHARARGARIYAELVGFGMSGDAFHMTAPPEDGAGAARCMKNALRDAGLDPRQVDYINAHGTSTPAGDIAEIAAVK
SVFGEHAHALSMSSTKSMTGHLLGAAGAVEAIFSVLALRDQVAPPTINLDNPDEGCDLDLVAHEAKPRKIDVALSNSFGF
GGTNGTLVFRRFAD
;
_entity_poly.pdbx_strand_id   A,B
#
loop_
_chem_comp.id
_chem_comp.type
_chem_comp.name
_chem_comp.formula
DMS non-polymer 'DIMETHYL SULFOXIDE' 'C2 H6 O S'
PO4 non-polymer 'PHOSPHATE ION' 'O4 P -3'
RZS non-polymer 6-(ethylamino)pyridine-3-carbonitrile 'C8 H9 N3'
#
# COMPACT_ATOMS: atom_id res chain seq x y z
N SER A 2 5.98 25.57 -0.22
CA SER A 2 5.53 25.90 1.19
C SER A 2 4.15 25.26 1.44
N ARG A 3 3.85 24.84 2.68
CA ARG A 3 2.74 23.88 2.91
C ARG A 3 1.41 24.56 2.57
N ARG A 4 0.59 23.94 1.73
CA ARG A 4 -0.74 24.47 1.33
C ARG A 4 -1.83 23.83 2.17
N ARG A 5 -2.98 24.48 2.26
CA ARG A 5 -4.13 23.96 3.03
C ARG A 5 -4.94 22.99 2.16
N VAL A 6 -5.58 22.00 2.78
CA VAL A 6 -6.29 20.93 2.04
C VAL A 6 -7.72 20.88 2.53
N VAL A 7 -8.66 20.92 1.59
CA VAL A 7 -10.12 20.81 1.92
C VAL A 7 -10.73 19.61 1.24
N ILE A 8 -11.88 19.23 1.74
CA ILE A 8 -12.70 18.11 1.22
C ILE A 8 -13.82 18.75 0.36
N THR A 9 -13.89 18.37 -0.90
CA THR A 9 -14.89 18.94 -1.83
C THR A 9 -15.83 17.88 -2.39
N GLY A 10 -15.61 16.58 -2.13
CA GLY A 10 -16.50 15.54 -2.61
C GLY A 10 -16.32 14.30 -1.79
N MET A 11 -17.40 13.56 -1.57
CA MET A 11 -17.33 12.28 -0.83
C MET A 11 -18.23 11.24 -1.51
N GLY A 12 -17.88 9.98 -1.31
CA GLY A 12 -18.58 8.84 -1.91
C GLY A 12 -18.47 7.61 -1.06
N MET A 13 -19.46 6.71 -1.10
CA MET A 13 -19.52 5.62 -0.11
C MET A 13 -20.40 4.48 -0.60
N LEU A 14 -19.96 3.26 -0.32
CA LEU A 14 -20.85 2.08 -0.14
C LEU A 14 -20.62 1.52 1.26
N SER A 15 -21.70 1.32 2.00
CA SER A 15 -21.57 0.77 3.36
C SER A 15 -22.70 -0.22 3.59
N PRO A 16 -22.63 -0.96 4.70
CA PRO A 16 -23.77 -1.77 5.14
C PRO A 16 -25.04 -0.98 5.43
N LEU A 17 -24.99 0.35 5.51
CA LEU A 17 -26.18 1.20 5.80
C LEU A 17 -26.73 1.84 4.53
N GLY A 18 -25.99 1.81 3.40
CA GLY A 18 -26.50 2.40 2.16
C GLY A 18 -25.55 2.44 0.98
N LEU A 19 -26.08 2.78 -0.21
CA LEU A 19 -25.34 2.70 -1.49
C LEU A 19 -24.79 4.07 -1.86
N ASP A 20 -24.82 5.00 -0.91
CA ASP A 20 -24.22 6.34 -1.07
C ASP A 20 -24.03 6.99 0.30
N VAL A 21 -23.51 8.19 0.28
CA VAL A 21 -23.20 8.90 1.54
C VAL A 21 -24.49 9.26 2.28
N PRO A 22 -25.44 9.99 1.67
CA PRO A 22 -26.60 10.45 2.44
C PRO A 22 -27.45 9.32 3.02
N SER A 23 -27.66 8.22 2.28
CA SER A 23 -28.43 7.08 2.82
C SER A 23 -27.66 6.43 3.99
N SER A 24 -26.32 6.31 3.89
CA SER A 24 -25.51 5.74 4.99
C SER A 24 -25.62 6.66 6.21
N TRP A 25 -25.49 7.98 6.02
CA TRP A 25 -25.48 8.96 7.11
C TRP A 25 -26.84 9.01 7.82
N GLU A 26 -27.95 8.91 7.07
N GLU A 26 -27.95 8.92 7.08
CA GLU A 26 -29.32 8.81 7.62
CA GLU A 26 -29.31 8.82 7.69
C GLU A 26 -29.37 7.62 8.60
C GLU A 26 -29.34 7.62 8.63
N GLY A 27 -28.82 6.46 8.21
CA GLY A 27 -28.79 5.27 9.07
C GLY A 27 -27.96 5.52 10.29
N ILE A 28 -26.80 6.18 10.13
CA ILE A 28 -25.88 6.49 11.26
C ILE A 28 -26.64 7.33 12.32
N LEU A 29 -27.31 8.37 11.88
CA LEU A 29 -27.96 9.30 12.84
C LEU A 29 -29.19 8.64 13.48
N ALA A 30 -29.80 7.64 12.84
CA ALA A 30 -31.01 6.93 13.35
C ALA A 30 -30.60 5.75 14.23
N GLY A 31 -29.30 5.46 14.36
CA GLY A 31 -28.87 4.35 15.21
C GLY A 31 -29.16 3.00 14.58
N ARG A 32 -29.26 2.95 13.26
CA ARG A 32 -29.62 1.71 12.53
C ARG A 32 -28.39 0.81 12.40
N SER A 33 -28.55 -0.51 12.58
CA SER A 33 -27.53 -1.55 12.31
C SER A 33 -27.59 -2.02 10.86
N GLY A 34 -26.42 -2.17 10.24
CA GLY A 34 -26.31 -2.74 8.90
C GLY A 34 -25.84 -4.18 9.00
N ILE A 35 -25.87 -4.80 10.17
CA ILE A 35 -25.32 -6.17 10.39
C ILE A 35 -26.46 -7.19 10.30
N ALA A 36 -26.21 -8.28 9.59
CA ALA A 36 -27.22 -9.33 9.33
C ALA A 36 -26.52 -10.61 8.96
N PRO A 37 -27.22 -11.76 9.08
CA PRO A 37 -26.67 -13.01 8.60
C PRO A 37 -26.31 -12.84 7.12
N ILE A 38 -25.17 -13.41 6.79
CA ILE A 38 -24.62 -13.36 5.42
C ILE A 38 -25.42 -14.33 4.54
N GLU A 39 -25.86 -13.84 3.38
CA GLU A 39 -26.72 -14.63 2.45
C GLU A 39 -25.91 -15.16 1.26
N HIS A 40 -24.76 -14.57 0.95
CA HIS A 40 -24.07 -14.79 -0.35
C HIS A 40 -23.32 -16.13 -0.34
N MET A 41 -23.20 -16.79 0.81
CA MET A 41 -22.56 -18.13 0.91
C MET A 41 -23.10 -18.89 2.11
N ASP A 42 -22.83 -20.20 2.15
CA ASP A 42 -23.17 -21.15 3.23
C ASP A 42 -22.09 -21.12 4.33
N LEU A 43 -22.43 -20.60 5.51
CA LEU A 43 -21.49 -20.40 6.63
C LEU A 43 -21.83 -21.34 7.79
N SER A 44 -22.59 -22.43 7.56
CA SER A 44 -22.98 -23.35 8.67
C SER A 44 -21.75 -23.92 9.40
N ALA A 45 -20.61 -24.15 8.74
CA ALA A 45 -19.41 -24.73 9.38
C ALA A 45 -18.54 -23.65 10.06
N TYR A 46 -18.88 -22.38 9.89
CA TYR A 46 -18.10 -21.24 10.43
C TYR A 46 -18.63 -20.85 11.82
N SER A 47 -17.74 -20.39 12.70
CA SER A 47 -18.08 -19.90 14.05
C SER A 47 -18.74 -18.50 14.01
N THR A 48 -18.58 -17.73 12.93
CA THR A 48 -19.33 -16.46 12.71
C THR A 48 -20.07 -16.51 11.37
N ARG A 49 -21.35 -16.16 11.34
CA ARG A 49 -22.20 -16.35 10.13
C ARG A 49 -22.91 -15.06 9.72
N PHE A 50 -22.46 -13.92 10.23
CA PHE A 50 -23.09 -12.60 9.97
C PHE A 50 -21.96 -11.59 9.74
N GLY A 51 -22.37 -10.43 9.29
CA GLY A 51 -21.44 -9.33 8.94
C GLY A 51 -22.21 -8.17 8.37
N GLY A 52 -21.47 -7.13 7.96
CA GLY A 52 -22.04 -5.96 7.29
C GLY A 52 -21.88 -6.02 5.79
N SER A 53 -22.85 -6.57 5.10
CA SER A 53 -22.82 -6.69 3.62
C SER A 53 -23.29 -5.40 2.98
N VAL A 54 -22.82 -5.10 1.76
CA VAL A 54 -23.46 -4.02 0.99
C VAL A 54 -24.71 -4.66 0.37
N LYS A 55 -25.86 -4.03 0.52
CA LYS A 55 -27.15 -4.61 0.08
C LYS A 55 -27.57 -3.98 -1.23
N GLY A 56 -27.75 -4.79 -2.27
CA GLY A 56 -28.37 -4.36 -3.53
C GLY A 56 -27.44 -3.45 -4.34
N PHE A 57 -26.13 -3.60 -4.20
CA PHE A 57 -25.16 -2.88 -5.05
C PHE A 57 -25.43 -3.16 -6.52
N ASN A 58 -25.57 -2.09 -7.30
CA ASN A 58 -25.75 -2.21 -8.75
C ASN A 58 -24.51 -1.65 -9.46
N VAL A 59 -23.57 -2.53 -9.80
CA VAL A 59 -22.30 -2.09 -10.47
C VAL A 59 -22.65 -1.41 -11.82
N GLU A 60 -23.82 -1.70 -12.39
CA GLU A 60 -24.22 -1.10 -13.70
C GLU A 60 -24.68 0.35 -13.57
N GLU A 61 -24.69 0.95 -12.38
CA GLU A 61 -24.76 2.43 -12.19
C GLU A 61 -23.43 3.09 -12.58
N TYR A 62 -22.36 2.30 -12.71
CA TYR A 62 -20.98 2.79 -12.78
C TYR A 62 -20.24 2.22 -13.98
N LEU A 63 -20.34 0.91 -14.24
CA LEU A 63 -19.48 0.21 -15.22
C LEU A 63 -20.34 -0.72 -16.05
N SER A 64 -19.94 -0.99 -17.28
CA SER A 64 -20.55 -2.06 -18.10
C SER A 64 -20.40 -3.41 -17.40
N ALA A 65 -21.38 -4.30 -17.54
CA ALA A 65 -21.31 -5.66 -16.94
C ALA A 65 -20.07 -6.35 -17.51
N LYS A 66 -19.67 -5.99 -18.74
CA LYS A 66 -18.51 -6.62 -19.42
C LYS A 66 -17.23 -6.37 -18.59
N GLU A 67 -17.01 -5.12 -18.17
N GLU A 67 -17.00 -5.11 -18.22
CA GLU A 67 -15.81 -4.72 -17.37
CA GLU A 67 -15.87 -4.70 -17.35
C GLU A 67 -15.99 -5.16 -15.92
C GLU A 67 -16.04 -5.31 -15.96
N ALA A 68 -17.20 -5.06 -15.35
CA ALA A 68 -17.46 -5.45 -13.94
C ALA A 68 -17.08 -6.91 -13.70
N ARG A 69 -17.37 -7.77 -14.68
N ARG A 69 -17.35 -7.78 -14.68
CA ARG A 69 -17.15 -9.24 -14.59
CA ARG A 69 -17.16 -9.25 -14.55
C ARG A 69 -15.67 -9.55 -14.32
C ARG A 69 -15.67 -9.58 -14.38
N LYS A 70 -14.75 -8.67 -14.72
CA LYS A 70 -13.29 -8.89 -14.58
C LYS A 70 -12.76 -8.43 -13.21
N LEU A 71 -13.56 -7.79 -12.36
CA LEU A 71 -13.04 -7.01 -11.19
C LEU A 71 -13.57 -7.64 -9.91
N ASP A 72 -12.68 -7.91 -8.96
CA ASP A 72 -13.10 -8.25 -7.60
C ASP A 72 -14.07 -7.19 -7.08
N LEU A 73 -15.02 -7.65 -6.27
CA LEU A 73 -15.94 -6.74 -5.56
C LEU A 73 -15.20 -5.57 -4.89
N PHE A 74 -14.03 -5.79 -4.28
CA PHE A 74 -13.37 -4.66 -3.57
C PHE A 74 -13.05 -3.56 -4.59
N ILE A 75 -12.70 -3.94 -5.82
CA ILE A 75 -12.41 -2.92 -6.87
C ILE A 75 -13.73 -2.26 -7.27
N GLN A 76 -14.79 -3.04 -7.48
CA GLN A 76 -16.06 -2.44 -7.92
C GLN A 76 -16.51 -1.46 -6.84
N TYR A 77 -16.33 -1.80 -5.56
CA TYR A 77 -16.79 -0.92 -4.44
C TYR A 77 -15.94 0.37 -4.42
N GLY A 78 -14.63 0.23 -4.56
CA GLY A 78 -13.71 1.40 -4.57
C GLY A 78 -14.00 2.32 -5.74
N LEU A 79 -14.27 1.75 -6.94
CA LEU A 79 -14.59 2.58 -8.11
C LEU A 79 -15.91 3.28 -7.89
N ALA A 80 -16.94 2.58 -7.37
CA ALA A 80 -18.25 3.21 -7.15
C ALA A 80 -18.09 4.42 -6.21
N ALA A 81 -17.40 4.22 -5.10
CA ALA A 81 -17.25 5.31 -4.10
C ALA A 81 -16.47 6.47 -4.74
N SER A 82 -15.42 6.17 -5.49
CA SER A 82 -14.58 7.18 -6.18
C SER A 82 -15.43 7.95 -7.19
N PHE A 83 -16.21 7.26 -8.00
CA PHE A 83 -17.04 7.97 -9.00
C PHE A 83 -18.03 8.90 -8.29
N GLN A 84 -18.64 8.44 -7.21
CA GLN A 84 -19.56 9.27 -6.40
C GLN A 84 -18.79 10.55 -5.97
N ALA A 85 -17.60 10.36 -5.38
CA ALA A 85 -16.84 11.49 -4.80
C ALA A 85 -16.51 12.49 -5.92
N VAL A 86 -16.05 12.02 -7.07
CA VAL A 86 -15.63 12.94 -8.16
C VAL A 86 -16.86 13.72 -8.62
N ARG A 87 -17.99 13.03 -8.85
CA ARG A 87 -19.24 13.71 -9.27
C ARG A 87 -19.63 14.74 -8.20
N ASP A 88 -19.62 14.32 -6.92
CA ASP A 88 -19.98 15.20 -5.77
C ASP A 88 -19.11 16.47 -5.75
N SER A 89 -17.85 16.38 -6.15
CA SER A 89 -16.90 17.50 -6.10
C SER A 89 -17.27 18.57 -7.16
N GLY A 90 -17.93 18.20 -8.24
CA GLY A 90 -18.13 19.08 -9.41
C GLY A 90 -16.87 19.29 -10.24
N LEU A 91 -15.76 18.62 -9.91
CA LEU A 91 -14.49 18.82 -10.66
C LEU A 91 -14.64 18.32 -12.10
N GLU A 92 -14.15 19.13 -13.06
CA GLU A 92 -14.00 18.72 -14.48
C GLU A 92 -12.53 18.49 -14.77
N VAL A 93 -12.22 17.28 -15.18
CA VAL A 93 -10.87 16.84 -15.59
C VAL A 93 -10.62 17.35 -17.02
N THR A 94 -9.53 18.08 -17.20
CA THR A 94 -9.12 18.69 -18.49
C THR A 94 -7.68 18.36 -18.78
N ASP A 95 -7.23 18.62 -20.01
CA ASP A 95 -5.78 18.64 -20.31
C ASP A 95 -5.04 19.60 -19.38
N ALA A 96 -5.63 20.70 -18.90
CA ALA A 96 -4.92 21.73 -18.10
C ALA A 96 -4.66 21.20 -16.67
N ASN A 97 -5.46 20.26 -16.16
CA ASN A 97 -5.35 19.87 -14.72
C ASN A 97 -5.16 18.35 -14.56
N ARG A 98 -5.17 17.54 -15.61
CA ARG A 98 -5.19 16.06 -15.42
C ARG A 98 -3.86 15.58 -14.84
N GLU A 99 -2.75 16.30 -15.06
CA GLU A 99 -1.45 15.87 -14.50
C GLU A 99 -1.42 16.19 -12.99
N ARG A 100 -2.34 17.00 -12.51
CA ARG A 100 -2.33 17.49 -11.11
C ARG A 100 -3.39 16.77 -10.28
N ILE A 101 -4.03 15.75 -10.84
CA ILE A 101 -5.09 14.98 -10.11
C ILE A 101 -4.62 13.53 -10.04
N GLY A 102 -4.50 13.05 -8.80
CA GLY A 102 -4.11 11.64 -8.59
C GLY A 102 -5.12 10.87 -7.76
N VAL A 103 -4.71 9.68 -7.37
CA VAL A 103 -5.61 8.76 -6.65
C VAL A 103 -4.77 7.88 -5.72
N SER A 104 -5.25 7.69 -4.50
CA SER A 104 -4.71 6.78 -3.49
C SER A 104 -5.87 6.10 -2.78
N MET A 105 -6.32 4.99 -3.37
CA MET A 105 -7.39 4.14 -2.81
C MET A 105 -6.73 2.83 -2.41
N GLY A 106 -6.87 2.50 -1.14
CA GLY A 106 -6.19 1.33 -0.59
C GLY A 106 -7.15 0.21 -0.20
N SER A 107 -6.56 -0.88 0.25
CA SER A 107 -7.31 -2.02 0.82
C SER A 107 -6.44 -2.79 1.79
N GLY A 108 -7.07 -3.39 2.81
CA GLY A 108 -6.37 -4.26 3.76
C GLY A 108 -5.97 -5.58 3.15
N ILE A 109 -6.88 -6.22 2.42
CA ILE A 109 -6.72 -7.61 1.91
C ILE A 109 -6.88 -7.65 0.37
N GLY A 110 -7.62 -6.72 -0.23
CA GLY A 110 -7.85 -6.70 -1.68
C GLY A 110 -8.70 -7.91 -2.10
N GLY A 111 -8.39 -8.53 -3.22
CA GLY A 111 -9.36 -9.38 -3.93
C GLY A 111 -9.35 -10.81 -3.42
N LEU A 112 -9.57 -10.99 -2.12
CA LEU A 112 -9.56 -12.33 -1.50
C LEU A 112 -10.61 -13.24 -2.16
N THR A 113 -11.83 -12.77 -2.42
CA THR A 113 -12.88 -13.61 -3.08
C THR A 113 -12.34 -14.17 -4.40
N ASN A 114 -11.81 -13.27 -5.24
CA ASN A 114 -11.27 -13.66 -6.56
C ASN A 114 -10.08 -14.62 -6.39
N ILE A 115 -9.24 -14.39 -5.39
CA ILE A 115 -8.09 -15.28 -5.15
C ILE A 115 -8.63 -16.67 -4.79
N GLU A 116 -9.60 -16.71 -3.88
CA GLU A 116 -10.17 -17.99 -3.39
C GLU A 116 -10.78 -18.72 -4.58
N ASN A 117 -11.56 -18.02 -5.40
CA ASN A 117 -12.26 -18.60 -6.57
C ASN A 117 -11.23 -19.16 -7.56
N ASN A 118 -10.15 -18.43 -7.81
CA ASN A 118 -9.09 -18.92 -8.71
C ASN A 118 -8.30 -20.06 -8.05
N CYS A 119 -8.12 -20.06 -6.72
CA CYS A 119 -7.46 -21.19 -6.05
C CYS A 119 -8.32 -22.45 -6.24
N ARG A 120 -9.64 -22.33 -6.18
CA ARG A 120 -10.59 -23.45 -6.36
C ARG A 120 -10.47 -23.99 -7.78
N SER A 121 -10.48 -23.14 -8.80
CA SER A 121 -10.12 -23.53 -10.20
C SER A 121 -8.78 -24.28 -10.28
N LEU A 122 -7.72 -23.73 -9.70
CA LEU A 122 -6.37 -24.32 -9.77
C LEU A 122 -6.41 -25.73 -9.18
N PHE A 123 -7.01 -25.90 -7.99
CA PHE A 123 -6.96 -27.17 -7.23
C PHE A 123 -7.91 -28.21 -7.87
N GLU A 124 -9.07 -27.79 -8.34
CA GLU A 124 -10.15 -28.71 -8.79
C GLU A 124 -9.89 -29.04 -10.25
N GLN A 125 -9.29 -28.14 -11.03
CA GLN A 125 -9.21 -28.31 -12.50
C GLN A 125 -7.75 -28.26 -12.98
N GLY A 126 -7.02 -27.22 -12.60
CA GLY A 126 -5.64 -27.02 -13.04
C GLY A 126 -5.42 -25.57 -13.41
N PRO A 127 -4.14 -25.22 -13.61
CA PRO A 127 -3.72 -23.86 -13.89
C PRO A 127 -4.36 -23.28 -15.14
N ARG A 128 -4.72 -24.14 -16.12
CA ARG A 128 -5.30 -23.68 -17.39
C ARG A 128 -6.66 -23.02 -17.16
N ARG A 129 -7.27 -23.22 -15.98
CA ARG A 129 -8.59 -22.64 -15.68
C ARG A 129 -8.47 -21.38 -14.80
N ILE A 130 -7.25 -20.94 -14.50
CA ILE A 130 -7.11 -19.61 -13.83
C ILE A 130 -7.47 -18.53 -14.84
N SER A 131 -8.24 -17.55 -14.39
CA SER A 131 -8.75 -16.48 -15.27
C SER A 131 -7.59 -15.63 -15.76
N PRO A 132 -7.55 -15.29 -17.05
CA PRO A 132 -6.58 -14.31 -17.55
C PRO A 132 -6.63 -12.95 -16.82
N PHE A 133 -7.76 -12.65 -16.18
CA PHE A 133 -7.99 -11.35 -15.49
C PHE A 133 -7.66 -11.49 -14.00
N PHE A 134 -7.19 -12.66 -13.59
CA PHE A 134 -6.98 -12.95 -12.14
C PHE A 134 -6.08 -11.87 -11.50
N VAL A 135 -4.91 -11.59 -12.05
CA VAL A 135 -3.97 -10.59 -11.43
C VAL A 135 -4.51 -9.15 -11.50
N PRO A 136 -4.80 -8.57 -12.68
CA PRO A 136 -5.29 -7.20 -12.73
C PRO A 136 -6.65 -7.02 -12.03
N GLY A 137 -7.46 -8.08 -11.90
CA GLY A 137 -8.78 -7.97 -11.26
C GLY A 137 -8.75 -8.18 -9.75
N SER A 138 -7.58 -8.47 -9.17
CA SER A 138 -7.45 -8.83 -7.73
C SER A 138 -6.49 -7.93 -6.98
N ILE A 139 -5.44 -7.40 -7.62
CA ILE A 139 -4.36 -6.71 -6.83
C ILE A 139 -4.82 -5.31 -6.41
N ILE A 140 -4.32 -4.89 -5.26
CA ILE A 140 -4.89 -3.80 -4.47
C ILE A 140 -4.76 -2.46 -5.20
N ASN A 141 -3.73 -2.29 -6.02
CA ASN A 141 -3.50 -0.97 -6.65
C ASN A 141 -4.46 -0.72 -7.81
N MET A 142 -5.36 -1.65 -8.13
CA MET A 142 -6.14 -1.49 -9.38
C MET A 142 -7.40 -0.66 -9.17
N VAL A 143 -7.78 -0.27 -7.95
CA VAL A 143 -8.78 0.82 -7.80
C VAL A 143 -8.12 2.09 -8.36
N SER A 144 -6.95 2.43 -7.84
CA SER A 144 -6.19 3.61 -8.34
C SER A 144 -5.95 3.50 -9.86
N GLY A 145 -5.57 2.33 -10.30
CA GLY A 145 -5.27 2.08 -11.72
C GLY A 145 -6.50 2.27 -12.60
N PHE A 146 -7.58 1.55 -12.32
CA PHE A 146 -8.79 1.61 -13.19
C PHE A 146 -9.42 3.00 -13.05
N LEU A 147 -9.42 3.63 -11.88
CA LEU A 147 -10.05 4.96 -11.75
C LEU A 147 -9.31 5.95 -12.65
N SER A 148 -7.97 5.91 -12.63
N SER A 148 -7.97 5.92 -12.59
CA SER A 148 -7.12 6.81 -13.46
CA SER A 148 -7.06 6.73 -13.45
C SER A 148 -7.40 6.58 -14.95
C SER A 148 -7.47 6.58 -14.91
N ILE A 149 -7.58 5.33 -15.37
CA ILE A 149 -7.89 4.97 -16.79
C ILE A 149 -9.25 5.54 -17.16
N HIS A 150 -10.27 5.34 -16.33
CA HIS A 150 -11.64 5.81 -16.66
C HIS A 150 -11.76 7.34 -16.67
N LEU A 151 -11.12 8.05 -15.75
CA LEU A 151 -11.29 9.51 -15.63
C LEU A 151 -10.14 10.29 -16.26
N GLY A 152 -9.02 9.65 -16.62
CA GLY A 152 -7.83 10.28 -17.22
C GLY A 152 -6.99 11.03 -16.20
N LEU A 153 -6.89 10.50 -14.97
CA LEU A 153 -6.06 11.11 -13.88
C LEU A 153 -4.60 10.71 -14.08
N GLN A 154 -3.71 11.69 -14.23
CA GLN A 154 -2.30 11.41 -14.55
C GLN A 154 -1.36 11.83 -13.41
N GLY A 155 -1.92 12.26 -12.29
CA GLY A 155 -1.15 12.60 -11.08
C GLY A 155 -0.67 11.36 -10.34
N PRO A 156 -0.11 11.57 -9.12
CA PRO A 156 0.38 10.46 -8.32
C PRO A 156 -0.71 9.36 -8.25
N ASN A 157 -0.27 8.14 -8.44
CA ASN A 157 -1.15 6.99 -8.58
C ASN A 157 -0.59 5.90 -7.70
N TYR A 158 -1.24 5.65 -6.57
CA TYR A 158 -0.67 4.62 -5.67
C TYR A 158 -1.75 4.03 -4.77
N ALA A 159 -1.33 3.07 -3.96
CA ALA A 159 -2.23 2.39 -3.00
C ALA A 159 -1.43 2.01 -1.76
N LEU A 160 -2.03 2.28 -0.62
CA LEU A 160 -1.55 1.82 0.71
C LEU A 160 -2.24 0.51 1.09
N THR A 161 -1.57 -0.27 1.89
CA THR A 161 -2.19 -1.45 2.55
C THR A 161 -1.59 -1.51 3.95
N THR A 162 -2.34 -0.98 4.91
CA THR A 162 -1.94 -0.92 6.31
C THR A 162 -3.08 -1.48 7.13
N ALA A 163 -3.60 -2.61 6.66
CA ALA A 163 -4.61 -3.40 7.37
C ALA A 163 -5.74 -2.45 7.78
N GLN A 164 -6.16 -2.42 9.05
CA GLN A 164 -7.35 -1.65 9.50
C GLN A 164 -7.09 -0.15 9.55
N THR A 165 -5.88 0.29 9.25
CA THR A 165 -5.50 1.72 9.25
C THR A 165 -5.54 2.28 7.84
N THR A 166 -5.71 1.41 6.84
CA THR A 166 -5.50 1.76 5.42
C THR A 166 -6.23 3.04 5.00
N GLY A 167 -7.52 3.17 5.30
CA GLY A 167 -8.28 4.31 4.76
C GLY A 167 -7.80 5.62 5.36
N THR A 168 -7.42 5.60 6.62
CA THR A 168 -6.93 6.81 7.31
C THR A 168 -5.56 7.20 6.74
N HIS A 169 -4.65 6.25 6.64
CA HIS A 169 -3.33 6.52 6.03
C HIS A 169 -3.51 7.02 4.60
N SER A 170 -4.45 6.43 3.84
CA SER A 170 -4.63 6.81 2.42
C SER A 170 -5.02 8.27 2.32
N ILE A 171 -5.94 8.71 3.16
CA ILE A 171 -6.41 10.10 3.12
C ILE A 171 -5.29 11.01 3.61
N GLY A 172 -4.63 10.68 4.72
CA GLY A 172 -3.56 11.53 5.26
C GLY A 172 -2.42 11.75 4.26
N MET A 173 -1.94 10.68 3.62
N MET A 173 -1.92 10.67 3.66
CA MET A 173 -0.77 10.78 2.73
CA MET A 173 -0.76 10.80 2.73
C MET A 173 -1.16 11.44 1.39
C MET A 173 -1.20 11.55 1.47
N ALA A 174 -2.41 11.28 0.95
CA ALA A 174 -2.96 12.05 -0.19
C ALA A 174 -2.98 13.54 0.20
N ALA A 175 -3.36 13.88 1.43
CA ALA A 175 -3.33 15.28 1.89
C ALA A 175 -1.91 15.83 1.84
N ARG A 176 -0.92 15.03 2.22
CA ARG A 176 0.51 15.46 2.12
C ARG A 176 0.91 15.70 0.67
N ASN A 177 0.49 14.86 -0.26
CA ASN A 177 0.78 15.08 -1.71
C ASN A 177 0.35 16.50 -2.08
N ILE A 178 -0.82 16.89 -1.64
CA ILE A 178 -1.42 18.18 -2.08
C ILE A 178 -0.75 19.31 -1.29
N ALA A 179 -0.65 19.13 0.01
CA ALA A 179 -0.03 20.13 0.92
C ALA A 179 1.35 20.55 0.40
N TYR A 180 2.14 19.62 -0.11
CA TYR A 180 3.56 19.91 -0.44
C TYR A 180 3.78 19.98 -1.95
N GLY A 181 2.70 20.02 -2.74
CA GLY A 181 2.76 20.46 -4.14
C GLY A 181 2.88 19.36 -5.18
N GLU A 182 2.81 18.08 -4.77
CA GLU A 182 2.91 16.94 -5.71
C GLU A 182 1.60 16.82 -6.50
N ALA A 183 0.50 17.33 -5.95
CA ALA A 183 -0.80 17.31 -6.64
C ALA A 183 -1.62 18.47 -6.15
N ASP A 184 -2.65 18.83 -6.92
CA ASP A 184 -3.64 19.82 -6.49
C ASP A 184 -4.91 19.12 -6.04
N VAL A 185 -5.18 17.91 -6.54
CA VAL A 185 -6.39 17.12 -6.22
C VAL A 185 -5.99 15.67 -6.03
N MET A 186 -6.58 15.00 -5.05
CA MET A 186 -6.41 13.55 -4.94
C MET A 186 -7.76 12.95 -4.58
N VAL A 187 -8.03 11.79 -5.19
CA VAL A 187 -9.16 10.94 -4.73
C VAL A 187 -8.56 9.89 -3.77
N ALA A 188 -9.01 9.84 -2.53
CA ALA A 188 -8.33 9.00 -1.54
C ALA A 188 -9.35 8.32 -0.64
N GLY A 189 -8.99 7.14 -0.18
CA GLY A 189 -9.84 6.36 0.71
C GLY A 189 -9.46 4.90 0.66
N GLY A 190 -10.48 4.06 0.77
CA GLY A 190 -10.25 2.61 0.81
C GLY A 190 -11.48 1.81 0.46
N SER A 191 -11.25 0.52 0.24
CA SER A 191 -12.35 -0.42 -0.11
C SER A 191 -12.00 -1.81 0.41
N GLU A 192 -13.02 -2.58 0.72
CA GLU A 192 -12.76 -3.92 1.25
C GLU A 192 -13.97 -4.81 0.96
N MET A 193 -13.71 -6.07 0.63
N MET A 193 -13.67 -6.06 0.61
CA MET A 193 -14.76 -7.13 0.61
CA MET A 193 -14.67 -7.16 0.51
C MET A 193 -14.07 -8.46 0.94
C MET A 193 -13.94 -8.45 0.92
N ALA A 194 -13.92 -8.73 2.23
CA ALA A 194 -13.14 -9.85 2.75
C ALA A 194 -14.10 -10.96 3.17
N ALA A 195 -15.39 -10.81 2.90
CA ALA A 195 -16.42 -11.79 3.32
C ALA A 195 -16.49 -12.92 2.29
N CYS A 196 -15.44 -13.72 2.29
CA CYS A 196 -15.38 -15.04 1.63
C CYS A 196 -14.97 -16.07 2.69
N GLY A 197 -14.92 -17.35 2.33
CA GLY A 197 -14.52 -18.42 3.25
C GLY A 197 -13.17 -18.15 3.91
N LEU A 198 -12.19 -17.73 3.12
CA LEU A 198 -10.83 -17.44 3.65
C LEU A 198 -10.90 -16.32 4.66
N GLY A 199 -11.67 -15.27 4.40
CA GLY A 199 -11.74 -14.10 5.29
C GLY A 199 -12.45 -14.41 6.62
N LEU A 200 -13.68 -14.88 6.53
CA LEU A 200 -14.47 -15.24 7.73
C LEU A 200 -13.76 -16.39 8.45
N GLY A 201 -13.23 -17.36 7.70
CA GLY A 201 -12.48 -18.49 8.29
C GLY A 201 -11.20 -18.02 8.96
N GLY A 202 -10.45 -17.15 8.31
CA GLY A 202 -9.16 -16.66 8.82
C GLY A 202 -9.31 -15.83 10.08
N PHE A 203 -10.20 -14.85 10.08
CA PHE A 203 -10.46 -14.05 11.30
C PHE A 203 -11.09 -14.96 12.38
N GLY A 204 -11.93 -15.89 11.98
CA GLY A 204 -12.53 -16.88 12.89
C GLY A 204 -11.44 -17.72 13.57
N ALA A 205 -10.46 -18.20 12.80
CA ALA A 205 -9.35 -19.02 13.32
C ALA A 205 -8.52 -18.23 14.32
N ALA A 206 -8.43 -16.91 14.16
CA ALA A 206 -7.69 -16.04 15.09
C ALA A 206 -8.55 -15.69 16.31
N ARG A 207 -9.79 -16.14 16.32
CA ARG A 207 -10.79 -15.85 17.38
C ARG A 207 -10.96 -14.33 17.56
N ALA A 208 -10.85 -13.56 16.49
CA ALA A 208 -10.94 -12.08 16.49
C ALA A 208 -12.38 -11.58 16.33
N LEU A 209 -13.30 -12.43 15.85
CA LEU A 209 -14.68 -12.03 15.50
C LEU A 209 -15.68 -12.29 16.63
N SER A 210 -16.66 -11.42 16.77
CA SER A 210 -17.87 -11.73 17.58
C SER A 210 -18.50 -13.00 17.02
N THR A 211 -18.97 -13.86 17.91
CA THR A 211 -19.72 -15.08 17.55
C THR A 211 -21.18 -14.99 18.02
N ARG A 212 -21.75 -13.78 18.08
CA ARG A 212 -23.16 -13.53 18.50
C ARG A 212 -24.12 -13.80 17.34
N ASN A 213 -24.14 -15.02 16.82
CA ASN A 213 -24.87 -15.39 15.57
C ASN A 213 -26.38 -15.21 15.79
N ASP A 214 -26.83 -15.41 17.02
CA ASP A 214 -28.28 -15.41 17.33
C ASP A 214 -28.80 -13.99 17.53
N GLU A 215 -27.93 -12.97 17.55
CA GLU A 215 -28.44 -11.58 17.64
C GLU A 215 -27.46 -10.63 16.92
N PRO A 216 -27.32 -10.73 15.58
CA PRO A 216 -26.23 -10.01 14.93
C PRO A 216 -26.21 -8.49 15.07
N THR A 217 -27.37 -7.83 15.21
CA THR A 217 -27.40 -6.35 15.29
C THR A 217 -26.84 -5.92 16.66
N ARG A 218 -26.71 -6.82 17.63
CA ARG A 218 -26.19 -6.51 18.98
C ARG A 218 -24.73 -6.95 19.12
N ALA A 219 -24.11 -7.49 18.08
CA ALA A 219 -22.79 -8.11 18.15
C ALA A 219 -21.74 -7.03 18.36
N SER A 220 -21.79 -5.98 17.55
CA SER A 220 -20.83 -4.85 17.60
C SER A 220 -21.23 -3.91 18.76
N ARG A 221 -20.48 -3.92 19.82
CA ARG A 221 -20.86 -3.23 21.08
C ARG A 221 -19.63 -2.62 21.71
N PRO A 222 -19.01 -1.62 21.01
CA PRO A 222 -17.78 -1.02 21.50
C PRO A 222 -17.94 -0.50 22.94
N TRP A 223 -16.96 -0.88 23.78
CA TRP A 223 -16.81 -0.45 25.21
C TRP A 223 -17.87 -1.12 26.07
N ASP A 224 -18.77 -1.95 25.50
CA ASP A 224 -19.78 -2.68 26.32
C ASP A 224 -19.09 -3.85 27.04
N ARG A 225 -19.43 -4.10 28.32
CA ARG A 225 -18.74 -5.17 29.10
C ARG A 225 -18.95 -6.55 28.45
N ASP A 226 -19.94 -6.74 27.56
CA ASP A 226 -20.27 -8.07 26.97
C ASP A 226 -19.76 -8.19 25.52
N ARG A 227 -18.87 -7.28 25.08
CA ARG A 227 -18.30 -7.38 23.71
C ARG A 227 -17.43 -8.64 23.60
N ASP A 228 -17.29 -9.18 22.39
CA ASP A 228 -16.59 -10.48 22.17
C ASP A 228 -15.93 -10.47 20.79
N GLY A 229 -15.54 -9.29 20.28
CA GLY A 229 -14.77 -9.16 19.02
C GLY A 229 -15.47 -8.36 17.94
N PHE A 230 -14.80 -8.18 16.80
CA PHE A 230 -15.29 -7.24 15.78
C PHE A 230 -16.22 -8.00 14.85
N VAL A 231 -17.00 -7.21 14.16
CA VAL A 231 -17.92 -7.67 13.10
C VAL A 231 -17.31 -7.30 11.76
N LEU A 232 -17.21 -8.27 10.86
CA LEU A 232 -16.61 -8.04 9.53
C LEU A 232 -17.64 -7.39 8.61
N SER A 233 -17.24 -6.30 7.95
CA SER A 233 -18.09 -5.50 7.06
C SER A 233 -17.34 -5.06 5.79
N ASP A 234 -18.15 -4.77 4.78
CA ASP A 234 -17.70 -4.56 3.40
C ASP A 234 -18.09 -3.14 3.00
N GLY A 235 -17.33 -2.57 2.06
CA GLY A 235 -17.75 -1.34 1.43
C GLY A 235 -16.55 -0.50 1.02
N SER A 236 -16.79 0.80 0.93
N SER A 236 -16.79 0.79 0.82
CA SER A 236 -15.80 1.76 0.40
CA SER A 236 -15.74 1.75 0.38
C SER A 236 -16.13 3.18 0.87
C SER A 236 -16.11 3.18 0.77
N GLY A 237 -15.09 4.00 1.03
CA GLY A 237 -15.21 5.44 1.19
C GLY A 237 -14.18 6.08 0.30
N ALA A 238 -14.56 7.18 -0.32
CA ALA A 238 -13.63 7.97 -1.15
C ALA A 238 -13.91 9.46 -0.89
N LEU A 239 -12.86 10.24 -0.79
CA LEU A 239 -12.99 11.70 -0.66
C LEU A 239 -12.13 12.34 -1.75
N VAL A 240 -12.66 13.45 -2.26
CA VAL A 240 -11.86 14.34 -3.12
C VAL A 240 -11.26 15.38 -2.19
N LEU A 241 -9.95 15.30 -2.07
CA LEU A 241 -9.12 16.30 -1.36
C LEU A 241 -8.62 17.29 -2.42
N GLU A 242 -8.55 18.56 -2.03
CA GLU A 242 -8.23 19.63 -2.98
C GLU A 242 -7.46 20.73 -2.27
N GLU A 243 -6.45 21.26 -2.93
CA GLU A 243 -5.76 22.47 -2.41
C GLU A 243 -6.78 23.61 -2.30
N LEU A 244 -6.69 24.38 -1.21
CA LEU A 244 -7.71 25.38 -0.82
C LEU A 244 -7.87 26.41 -1.95
N GLU A 245 -6.78 27.02 -2.43
CA GLU A 245 -6.88 28.11 -3.45
C GLU A 245 -7.47 27.53 -4.74
N HIS A 246 -7.07 26.30 -5.11
CA HIS A 246 -7.67 25.57 -6.26
C HIS A 246 -9.19 25.47 -6.07
N ALA A 247 -9.65 25.08 -4.88
CA ALA A 247 -11.08 24.90 -4.60
C ALA A 247 -11.78 26.27 -4.70
N ARG A 248 -11.22 27.29 -4.08
CA ARG A 248 -11.80 28.65 -4.06
C ARG A 248 -11.90 29.18 -5.49
N ALA A 249 -10.83 28.98 -6.27
CA ALA A 249 -10.68 29.46 -7.66
C ALA A 249 -11.82 28.94 -8.53
N ARG A 250 -12.32 27.72 -8.30
CA ARG A 250 -13.36 27.11 -9.14
C ARG A 250 -14.75 27.23 -8.50
N GLY A 251 -14.85 27.86 -7.33
CA GLY A 251 -16.09 28.01 -6.57
C GLY A 251 -16.62 26.67 -6.03
N ALA A 252 -15.71 25.79 -5.63
CA ALA A 252 -16.11 24.46 -5.11
C ALA A 252 -16.88 24.66 -3.80
N ARG A 253 -17.86 23.80 -3.56
CA ARG A 253 -18.43 23.62 -2.20
C ARG A 253 -17.38 22.89 -1.36
N ILE A 254 -17.02 23.47 -0.22
CA ILE A 254 -16.05 22.87 0.73
C ILE A 254 -16.79 22.32 1.94
N TYR A 255 -16.71 21.03 2.20
CA TYR A 255 -17.37 20.41 3.37
C TYR A 255 -16.65 20.79 4.65
N ALA A 256 -15.32 20.82 4.62
CA ALA A 256 -14.47 20.91 5.82
C ALA A 256 -13.00 20.96 5.38
N GLU A 257 -12.13 21.34 6.31
CA GLU A 257 -10.68 21.42 6.06
C GLU A 257 -10.00 20.25 6.79
N LEU A 258 -9.08 19.59 6.10
N LEU A 258 -9.01 19.66 6.13
CA LEU A 258 -8.18 18.57 6.69
CA LEU A 258 -8.17 18.56 6.68
C LEU A 258 -6.95 19.32 7.22
C LEU A 258 -6.89 19.21 7.25
N VAL A 259 -6.86 19.48 8.55
CA VAL A 259 -5.78 20.29 9.21
C VAL A 259 -4.65 19.45 9.79
N GLY A 260 -4.86 18.17 10.07
CA GLY A 260 -3.81 17.40 10.75
C GLY A 260 -3.83 15.95 10.36
N PHE A 261 -2.65 15.36 10.34
CA PHE A 261 -2.50 13.91 10.15
C PHE A 261 -1.34 13.43 10.99
N GLY A 262 -1.56 12.34 11.68
CA GLY A 262 -0.56 11.68 12.52
C GLY A 262 -0.45 10.22 12.18
N MET A 263 0.77 9.71 12.27
CA MET A 263 1.08 8.29 12.20
C MET A 263 1.99 7.95 13.38
N SER A 264 1.92 6.72 13.81
CA SER A 264 2.90 6.18 14.77
C SER A 264 2.85 4.67 14.64
N GLY A 265 3.89 4.00 15.14
CA GLY A 265 3.89 2.55 15.34
C GLY A 265 3.93 2.24 16.82
N ASP A 266 3.16 1.27 17.29
CA ASP A 266 3.21 0.80 18.69
C ASP A 266 4.54 0.09 19.01
N ALA A 267 5.07 -0.64 18.04
CA ALA A 267 6.22 -1.55 18.21
C ALA A 267 5.99 -2.48 19.43
N PHE A 268 4.81 -3.07 19.51
CA PHE A 268 4.35 -3.87 20.67
C PHE A 268 4.06 -5.31 20.23
N HIS A 269 3.05 -5.54 19.39
CA HIS A 269 2.51 -6.91 19.11
C HIS A 269 1.90 -6.94 17.71
N MET A 270 1.99 -8.08 17.03
CA MET A 270 1.53 -8.23 15.62
C MET A 270 0.04 -7.87 15.52
N THR A 271 -0.78 -8.15 16.53
CA THR A 271 -2.26 -7.97 16.44
C THR A 271 -2.87 -7.23 17.64
N ALA A 272 -2.28 -7.32 18.81
CA ALA A 272 -2.84 -6.74 20.06
C ALA A 272 -2.28 -5.33 20.24
N PRO A 273 -3.13 -4.35 20.59
CA PRO A 273 -2.68 -3.02 20.98
C PRO A 273 -2.19 -3.11 22.41
N PRO A 274 -1.25 -2.26 22.82
CA PRO A 274 -0.87 -2.19 24.23
C PRO A 274 -2.07 -1.66 25.04
N GLU A 275 -2.28 -2.15 26.27
CA GLU A 275 -3.43 -1.78 27.14
C GLU A 275 -3.42 -0.28 27.47
N ASP A 276 -2.25 0.38 27.51
CA ASP A 276 -2.11 1.82 27.85
C ASP A 276 -2.39 2.73 26.63
N GLY A 277 -2.59 2.17 25.44
CA GLY A 277 -2.78 2.95 24.20
C GLY A 277 -1.63 3.90 23.86
N ALA A 278 -0.38 3.58 24.23
CA ALA A 278 0.74 4.55 24.17
C ALA A 278 0.99 4.96 22.71
N GLY A 279 0.88 4.03 21.77
CA GLY A 279 1.13 4.29 20.34
C GLY A 279 0.03 5.16 19.78
N ALA A 280 -1.22 4.88 20.16
CA ALA A 280 -2.40 5.69 19.73
C ALA A 280 -2.29 7.11 20.28
N ALA A 281 -1.81 7.27 21.53
CA ALA A 281 -1.60 8.59 22.14
C ALA A 281 -0.53 9.34 21.35
N ARG A 282 0.56 8.67 21.02
CA ARG A 282 1.65 9.30 20.24
C ARG A 282 1.07 9.80 18.90
N CYS A 283 0.27 8.97 18.27
CA CYS A 283 -0.31 9.28 16.95
C CYS A 283 -1.24 10.48 17.03
N MET A 284 -2.11 10.53 18.02
CA MET A 284 -3.06 11.66 18.17
C MET A 284 -2.25 12.93 18.47
N LYS A 285 -1.23 12.82 19.30
CA LYS A 285 -0.41 14.02 19.63
C LYS A 285 0.28 14.53 18.37
N ASN A 286 0.83 13.62 17.56
CA ASN A 286 1.43 14.02 16.25
C ASN A 286 0.40 14.78 15.43
N ALA A 287 -0.85 14.27 15.34
CA ALA A 287 -1.91 14.89 14.51
C ALA A 287 -2.29 16.28 15.03
N LEU A 288 -2.43 16.43 16.34
CA LEU A 288 -2.87 17.71 16.95
C LEU A 288 -1.75 18.76 16.77
N ARG A 289 -0.49 18.35 16.91
CA ARG A 289 0.64 19.28 16.70
C ARG A 289 0.70 19.67 15.23
N ASP A 290 0.49 18.72 14.33
CA ASP A 290 0.44 18.96 12.88
C ASP A 290 -0.65 19.99 12.56
N ALA A 291 -1.76 20.00 13.30
CA ALA A 291 -2.91 20.89 13.04
C ALA A 291 -2.74 22.21 13.81
N GLY A 292 -1.70 22.33 14.64
CA GLY A 292 -1.41 23.57 15.38
C GLY A 292 -2.49 23.81 16.40
N LEU A 293 -3.04 22.76 17.01
CA LEU A 293 -4.20 22.85 17.93
C LEU A 293 -3.81 22.72 19.40
N ASP A 294 -4.57 23.43 20.22
CA ASP A 294 -4.80 23.09 21.66
C ASP A 294 -5.67 21.85 21.67
N PRO A 295 -5.30 20.75 22.38
CA PRO A 295 -6.14 19.56 22.45
C PRO A 295 -7.56 19.87 22.94
N ARG A 296 -7.73 20.92 23.76
CA ARG A 296 -9.08 21.30 24.24
C ARG A 296 -10.00 21.74 23.08
N GLN A 297 -9.47 22.01 21.89
CA GLN A 297 -10.29 22.37 20.70
C GLN A 297 -11.00 21.10 20.18
N VAL A 298 -10.54 19.90 20.50
CA VAL A 298 -11.21 18.68 19.95
C VAL A 298 -12.61 18.53 20.59
N ASP A 299 -13.66 18.48 19.74
CA ASP A 299 -15.08 18.38 20.15
C ASP A 299 -15.59 16.95 19.97
N TYR A 300 -15.15 16.24 18.93
CA TYR A 300 -15.74 14.94 18.54
C TYR A 300 -14.62 14.01 18.09
N ILE A 301 -14.62 12.77 18.57
CA ILE A 301 -13.65 11.74 18.12
C ILE A 301 -14.46 10.57 17.58
N ASN A 302 -14.27 10.27 16.30
CA ASN A 302 -14.79 9.02 15.71
C ASN A 302 -13.72 7.98 16.02
N ALA A 303 -13.93 7.20 17.06
CA ALA A 303 -12.96 6.20 17.56
C ALA A 303 -12.76 5.10 16.53
N HIS A 304 -11.69 4.35 16.66
CA HIS A 304 -11.58 3.08 15.92
C HIS A 304 -12.68 2.13 16.44
N GLY A 305 -12.76 1.99 17.77
CA GLY A 305 -13.92 1.37 18.45
C GLY A 305 -14.36 0.06 17.82
N THR A 306 -13.48 -0.93 17.75
CA THR A 306 -13.72 -2.20 17.00
C THR A 306 -14.65 -3.18 17.73
N SER A 307 -14.86 -3.04 19.05
CA SER A 307 -15.62 -4.05 19.84
C SER A 307 -14.74 -5.24 20.19
N THR A 308 -13.43 -5.04 20.30
CA THR A 308 -12.53 -6.05 20.87
C THR A 308 -12.26 -5.68 22.33
N PRO A 309 -12.10 -6.68 23.21
CA PRO A 309 -11.75 -6.39 24.61
C PRO A 309 -10.56 -5.43 24.74
N ALA A 310 -9.43 -5.70 24.12
CA ALA A 310 -8.18 -4.95 24.38
C ALA A 310 -8.21 -3.64 23.57
N GLY A 311 -8.76 -3.68 22.34
CA GLY A 311 -8.75 -2.47 21.48
C GLY A 311 -9.51 -1.31 22.10
N ASP A 312 -10.73 -1.58 22.55
CA ASP A 312 -11.67 -0.53 23.01
C ASP A 312 -11.08 0.14 24.26
N ILE A 313 -10.51 -0.64 25.17
CA ILE A 313 -9.99 -0.08 26.45
C ILE A 313 -8.66 0.68 26.21
N ALA A 314 -7.81 0.22 25.30
CA ALA A 314 -6.57 0.95 24.89
C ALA A 314 -6.94 2.36 24.37
N GLU A 315 -8.05 2.51 23.67
CA GLU A 315 -8.48 3.80 23.09
C GLU A 315 -8.93 4.73 24.19
N ILE A 316 -9.63 4.23 25.19
CA ILE A 316 -10.01 5.10 26.34
C ILE A 316 -8.70 5.61 26.96
N ALA A 317 -7.75 4.71 27.21
CA ALA A 317 -6.51 5.06 27.93
C ALA A 317 -5.76 6.12 27.11
N ALA A 318 -5.68 5.94 25.79
CA ALA A 318 -5.01 6.91 24.89
C ALA A 318 -5.69 8.29 24.94
N VAL A 319 -7.02 8.33 24.84
CA VAL A 319 -7.80 9.60 24.83
C VAL A 319 -7.62 10.32 26.17
N LYS A 320 -7.70 9.60 27.29
CA LYS A 320 -7.43 10.20 28.63
C LYS A 320 -5.98 10.72 28.71
N SER A 321 -5.02 9.99 28.16
CA SER A 321 -3.60 10.42 28.20
C SER A 321 -3.43 11.71 27.39
N VAL A 322 -4.04 11.84 26.20
CA VAL A 322 -3.83 13.00 25.29
C VAL A 322 -4.61 14.20 25.80
N PHE A 323 -5.81 13.97 26.30
CA PHE A 323 -6.76 15.08 26.52
C PHE A 323 -6.89 15.44 27.99
N GLY A 324 -6.38 14.64 28.92
CA GLY A 324 -6.50 14.92 30.37
C GLY A 324 -7.93 15.19 30.77
N GLU A 325 -8.21 16.23 31.55
CA GLU A 325 -9.58 16.56 32.01
C GLU A 325 -10.50 16.86 30.82
N HIS A 326 -9.98 17.39 29.71
CA HIS A 326 -10.82 17.69 28.53
C HIS A 326 -11.38 16.38 27.95
N ALA A 327 -10.86 15.21 28.34
CA ALA A 327 -11.39 13.92 27.83
C ALA A 327 -12.86 13.72 28.26
N HIS A 328 -13.29 14.39 29.34
CA HIS A 328 -14.68 14.32 29.87
C HIS A 328 -15.60 15.34 29.17
N ALA A 329 -15.08 16.26 28.36
CA ALA A 329 -15.89 17.32 27.70
C ALA A 329 -16.16 16.95 26.24
N LEU A 330 -15.20 16.32 25.56
CA LEU A 330 -15.41 15.95 24.14
C LEU A 330 -16.44 14.81 24.09
N SER A 331 -16.95 14.50 22.91
CA SER A 331 -17.80 13.32 22.62
C SER A 331 -17.00 12.35 21.76
N MET A 332 -17.03 11.09 22.11
CA MET A 332 -16.34 10.04 21.31
C MET A 332 -17.33 8.93 21.03
N SER A 333 -17.44 8.50 19.78
CA SER A 333 -18.35 7.41 19.43
C SER A 333 -17.70 6.47 18.43
N SER A 334 -18.16 5.22 18.45
CA SER A 334 -17.77 4.23 17.43
C SER A 334 -18.96 3.96 16.51
N THR A 335 -18.83 4.38 15.27
CA THR A 335 -19.89 4.12 14.26
C THR A 335 -19.80 2.65 13.84
N LYS A 336 -18.71 1.95 14.19
CA LYS A 336 -18.62 0.50 13.94
C LYS A 336 -19.72 -0.19 14.73
N SER A 337 -20.26 0.45 15.77
CA SER A 337 -21.42 -0.12 16.49
C SER A 337 -22.54 -0.45 15.48
N MET A 338 -22.68 0.34 14.42
CA MET A 338 -23.75 0.19 13.40
C MET A 338 -23.23 -0.44 12.11
N THR A 339 -22.03 -0.01 11.66
CA THR A 339 -21.53 -0.45 10.35
C THR A 339 -20.74 -1.75 10.41
N GLY A 340 -20.24 -2.10 11.61
CA GLY A 340 -19.20 -3.11 11.75
C GLY A 340 -17.89 -2.54 11.22
N HIS A 341 -16.89 -3.38 11.15
CA HIS A 341 -15.48 -3.06 10.83
C HIS A 341 -15.24 -3.31 9.35
N LEU A 342 -15.11 -2.21 8.58
CA LEU A 342 -14.84 -2.27 7.12
C LEU A 342 -13.35 -2.41 6.82
N LEU A 343 -12.53 -2.67 7.83
CA LEU A 343 -11.13 -3.06 7.68
C LEU A 343 -10.45 -1.92 6.92
N GLY A 344 -9.84 -2.19 5.76
CA GLY A 344 -9.12 -1.10 5.05
C GLY A 344 -10.03 0.03 4.64
N ALA A 345 -11.36 -0.15 4.57
CA ALA A 345 -12.28 0.95 4.24
C ALA A 345 -12.77 1.64 5.53
N ALA A 346 -12.51 1.10 6.72
CA ALA A 346 -13.05 1.70 7.96
C ALA A 346 -12.65 3.19 8.08
N GLY A 347 -11.37 3.50 7.89
CA GLY A 347 -10.91 4.89 8.07
C GLY A 347 -11.49 5.78 7.02
N ALA A 348 -11.82 5.26 5.85
CA ALA A 348 -12.36 6.12 4.77
C ALA A 348 -13.83 6.49 5.09
N VAL A 349 -14.69 5.51 5.45
CA VAL A 349 -16.11 5.82 5.73
C VAL A 349 -16.17 6.67 6.99
N GLU A 350 -15.27 6.45 7.93
CA GLU A 350 -15.29 7.14 9.23
C GLU A 350 -14.75 8.56 9.05
N ALA A 351 -13.82 8.78 8.15
CA ALA A 351 -13.46 10.19 7.81
C ALA A 351 -14.69 10.92 7.28
N ILE A 352 -15.46 10.27 6.41
CA ILE A 352 -16.68 10.87 5.85
C ILE A 352 -17.65 11.19 6.99
N PHE A 353 -17.84 10.27 7.93
CA PHE A 353 -18.80 10.44 9.05
C PHE A 353 -18.31 11.61 9.91
N SER A 354 -16.99 11.77 10.05
CA SER A 354 -16.40 12.88 10.84
C SER A 354 -16.67 14.21 10.15
N VAL A 355 -16.54 14.27 8.83
CA VAL A 355 -16.84 15.49 8.04
C VAL A 355 -18.33 15.81 8.18
N LEU A 356 -19.19 14.78 8.15
CA LEU A 356 -20.65 15.02 8.25
C LEU A 356 -20.99 15.45 9.68
N ALA A 357 -20.26 14.96 10.68
CA ALA A 357 -20.46 15.37 12.09
C ALA A 357 -20.23 16.91 12.15
N LEU A 358 -19.23 17.38 11.42
CA LEU A 358 -18.93 18.83 11.37
C LEU A 358 -20.06 19.56 10.63
N ARG A 359 -20.47 19.07 9.47
CA ARG A 359 -21.50 19.73 8.65
C ARG A 359 -22.78 19.88 9.46
N ASP A 360 -23.19 18.82 10.15
CA ASP A 360 -24.53 18.74 10.78
C ASP A 360 -24.50 19.04 12.27
N GLN A 361 -23.34 19.25 12.87
CA GLN A 361 -23.19 19.52 14.33
C GLN A 361 -23.90 18.45 15.16
N VAL A 362 -23.49 17.21 14.97
CA VAL A 362 -24.08 16.05 15.69
C VAL A 362 -23.03 14.97 15.77
N ALA A 363 -22.91 14.44 16.98
CA ALA A 363 -22.11 13.26 17.32
C ALA A 363 -22.99 12.05 17.04
N PRO A 364 -22.57 11.18 16.12
CA PRO A 364 -23.25 9.89 15.96
C PRO A 364 -23.20 9.02 17.20
N PRO A 365 -24.20 8.13 17.43
CA PRO A 365 -24.20 7.29 18.60
C PRO A 365 -23.21 6.12 18.52
N THR A 366 -22.83 5.62 19.67
CA THR A 366 -22.31 4.23 19.83
C THR A 366 -23.53 3.41 20.22
N ILE A 367 -24.13 2.71 19.27
CA ILE A 367 -25.27 1.83 19.68
C ILE A 367 -24.74 0.62 20.47
N ASN A 368 -25.66 -0.07 21.13
CA ASN A 368 -25.41 -1.32 21.92
C ASN A 368 -24.59 -1.09 23.18
N LEU A 369 -24.35 0.17 23.60
CA LEU A 369 -23.48 0.43 24.76
C LEU A 369 -24.39 0.39 25.99
N ASP A 370 -24.84 -0.81 26.33
CA ASP A 370 -25.79 -1.05 27.43
C ASP A 370 -25.05 -0.91 28.76
N ASN A 371 -23.90 -1.54 28.91
CA ASN A 371 -23.15 -1.57 30.20
C ASN A 371 -21.69 -1.26 29.92
N PRO A 372 -21.33 0.05 29.92
CA PRO A 372 -19.95 0.45 29.75
C PRO A 372 -19.02 -0.29 30.70
N ASP A 373 -17.91 -0.76 30.16
CA ASP A 373 -16.94 -1.57 30.92
C ASP A 373 -16.20 -0.69 31.93
N GLU A 374 -15.40 -1.32 32.77
CA GLU A 374 -14.54 -0.66 33.76
C GLU A 374 -13.70 0.39 33.02
N GLY A 375 -13.77 1.64 33.52
CA GLY A 375 -12.97 2.79 33.06
C GLY A 375 -13.49 3.43 31.78
N CYS A 376 -14.57 2.92 31.18
CA CYS A 376 -15.20 3.45 29.93
C CYS A 376 -16.23 4.51 30.31
N ASP A 377 -15.77 5.58 30.97
CA ASP A 377 -16.64 6.57 31.65
C ASP A 377 -16.53 7.93 30.97
N LEU A 378 -16.13 7.96 29.69
CA LEU A 378 -16.24 9.17 28.87
C LEU A 378 -17.65 9.34 28.31
N ASP A 379 -17.89 10.49 27.70
CA ASP A 379 -19.09 10.67 26.86
C ASP A 379 -18.89 9.81 25.58
N LEU A 380 -19.45 8.60 25.57
CA LEU A 380 -19.36 7.68 24.41
C LEU A 380 -20.61 7.73 23.53
N VAL A 381 -21.46 8.74 23.69
CA VAL A 381 -22.68 8.98 22.90
C VAL A 381 -23.51 7.70 22.85
N ALA A 382 -23.70 7.07 24.00
CA ALA A 382 -24.44 5.79 24.08
C ALA A 382 -25.83 5.94 23.43
N HIS A 383 -26.20 4.99 22.55
CA HIS A 383 -27.59 4.71 22.06
C HIS A 383 -28.12 5.70 21.04
N GLU A 384 -27.99 7.02 21.26
CA GLU A 384 -28.68 8.06 20.47
C GLU A 384 -27.74 9.20 20.07
N ALA A 385 -27.90 9.67 18.85
CA ALA A 385 -27.15 10.80 18.27
C ALA A 385 -27.30 11.99 19.23
N LYS A 386 -26.22 12.74 19.41
CA LYS A 386 -26.14 13.91 20.34
C LYS A 386 -25.81 15.15 19.51
N PRO A 387 -26.79 16.03 19.22
CA PRO A 387 -26.47 17.33 18.62
C PRO A 387 -25.58 18.09 19.60
N ARG A 388 -24.55 18.77 19.10
CA ARG A 388 -23.58 19.50 19.94
C ARG A 388 -22.69 20.34 19.05
N LYS A 389 -21.99 21.28 19.68
CA LYS A 389 -21.02 22.11 18.94
C LYS A 389 -19.80 21.24 18.61
N ILE A 390 -19.42 21.24 17.33
CA ILE A 390 -18.25 20.49 16.84
C ILE A 390 -17.50 21.44 15.91
N ASP A 391 -16.37 21.97 16.35
CA ASP A 391 -15.50 22.74 15.44
C ASP A 391 -14.37 21.85 14.89
N VAL A 392 -13.90 20.93 15.72
CA VAL A 392 -12.76 20.05 15.38
C VAL A 392 -13.19 18.61 15.65
N ALA A 393 -12.96 17.75 14.66
CA ALA A 393 -13.29 16.32 14.76
C ALA A 393 -12.03 15.54 14.40
N LEU A 394 -11.79 14.47 15.15
N LEU A 394 -11.72 14.54 15.22
CA LEU A 394 -10.65 13.54 14.99
CA LEU A 394 -10.68 13.52 14.95
C LEU A 394 -11.19 12.16 14.60
C LEU A 394 -11.34 12.26 14.38
N SER A 395 -10.55 11.49 13.63
CA SER A 395 -10.90 10.11 13.25
C SER A 395 -9.66 9.28 13.49
N ASN A 396 -9.79 8.22 14.31
CA ASN A 396 -8.65 7.35 14.64
C ASN A 396 -8.77 5.97 14.02
N SER A 397 -7.65 5.37 13.61
CA SER A 397 -7.57 3.98 13.18
C SER A 397 -6.30 3.37 13.77
N PHE A 398 -6.38 2.09 14.14
N PHE A 398 -6.39 2.15 14.29
CA PHE A 398 -5.28 1.27 14.71
CA PHE A 398 -5.20 1.30 14.55
C PHE A 398 -5.34 -0.12 14.05
C PHE A 398 -5.34 0.01 13.74
N GLY A 399 -4.21 -0.67 13.55
CA GLY A 399 -4.23 -1.89 12.75
C GLY A 399 -3.19 -2.87 13.21
N PHE A 400 -3.30 -4.09 12.67
CA PHE A 400 -2.26 -5.12 12.78
C PHE A 400 -0.90 -4.54 12.36
N GLY A 401 0.13 -5.02 13.04
CA GLY A 401 1.49 -4.48 12.94
C GLY A 401 1.65 -3.26 13.83
N GLY A 402 0.66 -2.94 14.66
CA GLY A 402 0.73 -1.78 15.57
C GLY A 402 0.74 -0.45 14.83
N THR A 403 0.08 -0.38 13.67
N THR A 403 0.12 -0.45 13.65
CA THR A 403 0.11 0.83 12.80
CA THR A 403 -0.05 0.73 12.79
C THR A 403 -1.09 1.73 13.09
C THR A 403 -1.06 1.67 13.44
N ASN A 404 -0.80 2.99 13.41
CA ASN A 404 -1.79 3.97 13.88
C ASN A 404 -1.90 5.14 12.91
N GLY A 405 -3.10 5.64 12.72
CA GLY A 405 -3.33 6.90 12.00
C GLY A 405 -4.40 7.73 12.65
N THR A 406 -4.25 9.05 12.56
CA THR A 406 -5.24 10.00 13.07
C THR A 406 -5.42 11.09 12.04
N LEU A 407 -6.67 11.42 11.73
CA LEU A 407 -7.01 12.57 10.88
C LEU A 407 -7.70 13.62 11.74
N VAL A 408 -7.33 14.88 11.52
CA VAL A 408 -7.97 16.05 12.15
C VAL A 408 -8.63 16.92 11.08
N PHE A 409 -9.93 17.09 11.24
CA PHE A 409 -10.80 17.92 10.37
C PHE A 409 -11.35 19.07 11.20
N ARG A 410 -11.59 20.19 10.55
CA ARG A 410 -12.29 21.30 11.23
C ARG A 410 -13.20 22.04 10.24
N ARG A 411 -14.20 22.73 10.80
CA ARG A 411 -15.12 23.53 9.98
C ARG A 411 -14.35 24.53 9.14
N PHE A 412 -14.82 24.75 7.93
CA PHE A 412 -14.19 25.75 7.03
C PHE A 412 -15.17 26.94 6.89
N ALA A 413 -14.70 28.17 7.17
CA ALA A 413 -15.46 29.44 7.06
C ALA A 413 -15.32 30.02 5.65
N SER B 2 12.21 25.17 2.32
CA SER B 2 13.31 24.25 1.97
C SER B 2 13.08 22.88 2.64
N ARG B 3 13.72 21.86 2.09
CA ARG B 3 13.54 20.42 2.43
C ARG B 3 14.85 19.92 3.02
N ARG B 4 14.83 18.88 3.81
CA ARG B 4 16.11 18.27 4.27
C ARG B 4 16.63 17.32 3.21
N ARG B 5 17.93 17.08 3.23
CA ARG B 5 18.60 16.15 2.30
C ARG B 5 18.50 14.73 2.85
N VAL B 6 18.41 13.76 1.93
CA VAL B 6 18.22 12.32 2.26
C VAL B 6 19.35 11.51 1.64
N VAL B 7 20.03 10.71 2.45
CA VAL B 7 21.11 9.85 1.94
C VAL B 7 20.82 8.39 2.26
N ILE B 8 21.56 7.49 1.60
CA ILE B 8 21.46 6.03 1.78
C ILE B 8 22.65 5.58 2.62
N THR B 9 22.38 4.98 3.77
CA THR B 9 23.44 4.56 4.73
C THR B 9 23.47 3.06 4.97
N GLY B 10 22.54 2.31 4.40
CA GLY B 10 22.51 0.85 4.58
C GLY B 10 21.66 0.19 3.51
N MET B 11 22.09 -0.97 3.07
CA MET B 11 21.36 -1.72 2.02
C MET B 11 21.36 -3.20 2.37
N GLY B 12 20.29 -3.88 1.97
CA GLY B 12 20.05 -5.31 2.26
C GLY B 12 19.27 -5.97 1.14
N MET B 13 19.50 -7.25 0.86
CA MET B 13 18.89 -7.85 -0.37
C MET B 13 18.83 -9.36 -0.23
N LEU B 14 17.78 -9.97 -0.78
CA LEU B 14 17.75 -11.37 -1.23
C LEU B 14 17.38 -11.33 -2.71
N SER B 15 18.10 -12.03 -3.55
CA SER B 15 17.77 -12.00 -5.01
C SER B 15 18.08 -13.38 -5.59
N PRO B 16 17.63 -13.63 -6.83
CA PRO B 16 18.07 -14.86 -7.53
C PRO B 16 19.60 -14.92 -7.73
N LEU B 17 20.34 -13.82 -7.51
CA LEU B 17 21.82 -13.85 -7.70
C LEU B 17 22.54 -14.05 -6.36
N GLY B 18 21.84 -13.90 -5.23
CA GLY B 18 22.60 -13.97 -3.97
C GLY B 18 21.77 -13.65 -2.77
N LEU B 19 22.30 -14.00 -1.60
CA LEU B 19 21.59 -13.89 -0.30
C LEU B 19 22.00 -12.60 0.41
N ASP B 20 22.73 -11.74 -0.28
CA ASP B 20 23.01 -10.37 0.22
C ASP B 20 23.37 -9.44 -0.94
N VAL B 21 23.65 -8.20 -0.61
CA VAL B 21 23.96 -7.18 -1.62
C VAL B 21 25.25 -7.57 -2.33
N PRO B 22 26.40 -7.74 -1.67
CA PRO B 22 27.66 -7.94 -2.39
C PRO B 22 27.66 -9.18 -3.29
N SER B 23 27.06 -10.28 -2.85
CA SER B 23 26.95 -11.48 -3.71
C SER B 23 26.08 -11.16 -4.94
N SER B 24 24.95 -10.50 -4.73
CA SER B 24 24.02 -10.15 -5.85
C SER B 24 24.74 -9.25 -6.84
N TRP B 25 25.44 -8.22 -6.35
CA TRP B 25 26.12 -7.21 -7.20
C TRP B 25 27.28 -7.85 -7.96
N GLU B 26 28.01 -8.75 -7.33
CA GLU B 26 29.07 -9.50 -8.05
C GLU B 26 28.47 -10.24 -9.24
N GLY B 27 27.33 -10.90 -9.06
CA GLY B 27 26.61 -11.59 -10.15
C GLY B 27 26.21 -10.62 -11.25
N ILE B 28 25.70 -9.45 -10.89
CA ILE B 28 25.24 -8.41 -11.85
C ILE B 28 26.41 -7.95 -12.72
N LEU B 29 27.55 -7.66 -12.10
CA LEU B 29 28.70 -7.12 -12.87
C LEU B 29 29.34 -8.23 -13.72
N ALA B 30 29.20 -9.49 -13.32
CA ALA B 30 29.64 -10.66 -14.12
C ALA B 30 28.63 -11.10 -15.19
N GLY B 31 27.45 -10.52 -15.27
CA GLY B 31 26.47 -10.90 -16.32
C GLY B 31 25.87 -12.26 -16.06
N ARG B 32 25.85 -12.68 -14.80
CA ARG B 32 25.31 -14.00 -14.42
C ARG B 32 23.78 -13.92 -14.40
N SER B 33 23.13 -15.01 -14.80
CA SER B 33 21.67 -15.20 -14.71
C SER B 33 21.30 -15.94 -13.41
N GLY B 34 20.28 -15.46 -12.73
CA GLY B 34 19.71 -16.17 -11.56
C GLY B 34 18.54 -17.05 -11.94
N ILE B 35 18.25 -17.23 -13.23
CA ILE B 35 16.98 -17.88 -13.68
C ILE B 35 17.22 -19.38 -13.91
N ALA B 36 16.29 -20.21 -13.45
CA ALA B 36 16.40 -21.69 -13.58
C ALA B 36 15.02 -22.32 -13.46
N PRO B 37 14.87 -23.59 -13.87
CA PRO B 37 13.67 -24.35 -13.58
C PRO B 37 13.34 -24.29 -12.09
N ILE B 38 12.08 -24.01 -11.82
CA ILE B 38 11.54 -23.98 -10.43
C ILE B 38 11.50 -25.41 -9.91
N GLU B 39 12.03 -25.65 -8.71
CA GLU B 39 12.06 -26.99 -8.08
C GLU B 39 10.97 -27.16 -7.01
N HIS B 40 10.69 -28.42 -6.63
CA HIS B 40 9.82 -28.87 -5.52
C HIS B 40 8.39 -28.42 -5.79
N MET B 41 7.98 -28.53 -7.05
CA MET B 41 6.68 -28.04 -7.53
C MET B 41 6.40 -28.74 -8.86
N ASP B 42 5.28 -29.45 -8.99
CA ASP B 42 4.93 -30.09 -10.28
C ASP B 42 4.35 -29.00 -11.20
N LEU B 43 5.16 -28.47 -12.12
CA LEU B 43 4.67 -27.44 -13.06
C LEU B 43 4.40 -28.08 -14.43
N SER B 44 4.18 -29.40 -14.51
CA SER B 44 3.87 -30.09 -15.79
C SER B 44 2.81 -29.32 -16.58
N ALA B 45 1.72 -28.93 -15.90
CA ALA B 45 0.49 -28.39 -16.54
C ALA B 45 0.63 -26.90 -16.86
N TYR B 46 1.76 -26.28 -16.50
CA TYR B 46 1.96 -24.81 -16.63
C TYR B 46 2.75 -24.51 -17.91
N SER B 47 2.55 -23.33 -18.51
CA SER B 47 3.22 -22.93 -19.79
C SER B 47 4.63 -22.37 -19.51
N THR B 48 4.91 -22.00 -18.24
CA THR B 48 6.23 -21.49 -17.81
C THR B 48 6.68 -22.34 -16.61
N ARG B 49 7.90 -22.87 -16.61
CA ARG B 49 8.34 -23.81 -15.54
C ARG B 49 9.61 -23.28 -14.87
N PHE B 50 9.97 -22.03 -15.15
CA PHE B 50 11.23 -21.42 -14.66
C PHE B 50 10.95 -20.02 -14.08
N GLY B 51 11.95 -19.50 -13.39
CA GLY B 51 11.88 -18.18 -12.74
C GLY B 51 13.15 -17.91 -11.94
N GLY B 52 13.14 -16.79 -11.21
CA GLY B 52 14.24 -16.38 -10.32
C GLY B 52 13.94 -16.75 -8.88
N SER B 53 14.43 -17.89 -8.41
CA SER B 53 14.20 -18.31 -7.00
C SER B 53 15.31 -17.73 -6.12
N VAL B 54 15.01 -17.48 -4.85
CA VAL B 54 16.07 -17.29 -3.83
C VAL B 54 16.59 -18.69 -3.46
N LYS B 55 17.89 -18.90 -3.58
CA LYS B 55 18.54 -20.20 -3.35
C LYS B 55 19.27 -20.22 -2.01
N GLY B 56 18.88 -21.17 -1.17
CA GLY B 56 19.57 -21.49 0.09
C GLY B 56 19.29 -20.48 1.21
N PHE B 57 18.19 -19.74 1.15
CA PHE B 57 17.79 -18.80 2.22
C PHE B 57 17.59 -19.55 3.54
N ASN B 58 18.19 -19.00 4.59
CA ASN B 58 18.20 -19.61 5.94
C ASN B 58 17.55 -18.61 6.89
N VAL B 59 16.24 -18.73 7.06
CA VAL B 59 15.41 -17.78 7.86
C VAL B 59 15.86 -17.80 9.34
N GLU B 60 16.44 -18.90 9.81
CA GLU B 60 16.87 -18.98 11.24
C GLU B 60 18.12 -18.13 11.49
N GLU B 61 18.74 -17.55 10.46
CA GLU B 61 19.72 -16.46 10.70
C GLU B 61 19.01 -15.20 11.25
N TYR B 62 17.72 -15.04 11.05
CA TYR B 62 16.96 -13.81 11.35
C TYR B 62 15.95 -14.05 12.47
N LEU B 63 15.24 -15.16 12.36
CA LEU B 63 14.04 -15.48 13.18
C LEU B 63 14.20 -16.85 13.83
N SER B 64 13.52 -17.04 14.96
CA SER B 64 13.33 -18.38 15.54
C SER B 64 12.47 -19.23 14.59
N ALA B 65 12.56 -20.56 14.66
CA ALA B 65 11.72 -21.44 13.80
C ALA B 65 10.25 -21.10 14.07
N LYS B 66 9.95 -20.75 15.31
CA LYS B 66 8.56 -20.52 15.71
C LYS B 66 8.02 -19.23 15.06
N GLU B 67 8.78 -18.13 15.11
N GLU B 67 8.81 -18.14 15.18
CA GLU B 67 8.28 -16.87 14.50
CA GLU B 67 8.58 -16.82 14.52
C GLU B 67 8.28 -17.02 12.96
C GLU B 67 8.29 -17.08 13.03
N ALA B 68 9.19 -17.81 12.38
CA ALA B 68 9.21 -18.04 10.92
C ALA B 68 7.98 -18.83 10.49
N ARG B 69 7.48 -19.75 11.30
CA ARG B 69 6.31 -20.58 10.89
C ARG B 69 5.05 -19.70 10.76
N LYS B 70 5.04 -18.54 11.40
CA LYS B 70 3.85 -17.65 11.44
C LYS B 70 3.81 -16.70 10.23
N LEU B 71 4.84 -16.69 9.37
CA LEU B 71 5.06 -15.62 8.36
C LEU B 71 5.24 -16.20 6.95
N ASP B 72 4.47 -15.68 6.00
CA ASP B 72 4.66 -16.02 4.57
C ASP B 72 6.12 -15.78 4.19
N LEU B 73 6.60 -16.50 3.18
CA LEU B 73 7.92 -16.27 2.61
C LEU B 73 8.13 -14.80 2.24
N PHE B 74 7.16 -14.11 1.63
CA PHE B 74 7.44 -12.70 1.23
C PHE B 74 7.80 -11.87 2.46
N ILE B 75 7.17 -12.15 3.59
CA ILE B 75 7.51 -11.43 4.85
C ILE B 75 8.89 -11.82 5.37
N GLN B 76 9.20 -13.11 5.37
CA GLN B 76 10.55 -13.60 5.74
C GLN B 76 11.57 -12.81 4.89
N TYR B 77 11.37 -12.78 3.57
CA TYR B 77 12.36 -12.13 2.68
C TYR B 77 12.48 -10.65 3.01
N GLY B 78 11.35 -9.98 3.19
CA GLY B 78 11.40 -8.54 3.48
C GLY B 78 12.08 -8.25 4.82
N LEU B 79 11.91 -9.12 5.79
CA LEU B 79 12.58 -8.95 7.11
C LEU B 79 14.07 -9.23 6.96
N ALA B 80 14.48 -10.24 6.22
CA ALA B 80 15.91 -10.52 5.96
C ALA B 80 16.58 -9.28 5.35
N ALA B 81 16.00 -8.71 4.29
CA ALA B 81 16.63 -7.53 3.65
C ALA B 81 16.68 -6.37 4.64
N SER B 82 15.60 -6.15 5.39
CA SER B 82 15.49 -5.01 6.36
C SER B 82 16.54 -5.16 7.45
N PHE B 83 16.67 -6.35 8.03
CA PHE B 83 17.68 -6.58 9.09
C PHE B 83 19.08 -6.36 8.52
N GLN B 84 19.34 -6.85 7.30
CA GLN B 84 20.64 -6.65 6.65
C GLN B 84 20.89 -5.15 6.54
N ALA B 85 19.90 -4.40 6.07
CA ALA B 85 20.04 -2.95 5.78
C ALA B 85 20.37 -2.23 7.09
N VAL B 86 19.63 -2.52 8.14
CA VAL B 86 19.81 -1.82 9.43
C VAL B 86 21.20 -2.19 9.98
N ARG B 87 21.58 -3.46 9.91
CA ARG B 87 22.97 -3.85 10.33
C ARG B 87 23.98 -3.04 9.50
N ASP B 88 23.83 -3.01 8.18
CA ASP B 88 24.78 -2.34 7.27
C ASP B 88 24.89 -0.84 7.63
N SER B 89 23.82 -0.22 8.15
CA SER B 89 23.82 1.24 8.40
C SER B 89 24.64 1.57 9.65
N GLY B 90 24.75 0.61 10.57
CA GLY B 90 25.37 0.83 11.89
C GLY B 90 24.50 1.63 12.83
N LEU B 91 23.26 1.95 12.47
CA LEU B 91 22.39 2.78 13.33
C LEU B 91 22.14 2.08 14.66
N GLU B 92 22.23 2.83 15.74
CA GLU B 92 21.87 2.39 17.12
C GLU B 92 20.50 3.00 17.45
N VAL B 93 19.50 2.15 17.60
CA VAL B 93 18.15 2.59 18.03
C VAL B 93 18.16 2.80 19.56
N THR B 94 17.62 3.92 20.01
CA THR B 94 17.60 4.33 21.43
C THR B 94 16.25 4.92 21.76
N ASP B 95 15.96 5.09 23.05
CA ASP B 95 14.75 5.83 23.43
C ASP B 95 14.76 7.24 22.85
N ALA B 96 15.92 7.88 22.67
CA ALA B 96 16.03 9.26 22.17
C ALA B 96 15.72 9.34 20.68
N ASN B 97 15.75 8.23 19.92
CA ASN B 97 15.50 8.35 18.47
C ASN B 97 14.41 7.41 17.95
N ARG B 98 13.87 6.50 18.75
CA ARG B 98 13.00 5.46 18.16
C ARG B 98 11.70 6.06 17.61
N GLU B 99 11.26 7.23 18.06
CA GLU B 99 10.05 7.88 17.50
C GLU B 99 10.35 8.49 16.13
N ARG B 100 11.62 8.54 15.73
CA ARG B 100 12.08 9.23 14.52
C ARG B 100 12.49 8.20 13.48
N ILE B 101 12.27 6.91 13.77
CA ILE B 101 12.68 5.81 12.86
C ILE B 101 11.42 5.05 12.45
N GLY B 102 11.14 5.00 11.15
CA GLY B 102 9.97 4.31 10.61
C GLY B 102 10.32 3.29 9.55
N VAL B 103 9.27 2.69 8.98
N VAL B 103 9.30 2.71 8.93
CA VAL B 103 9.37 1.58 8.00
CA VAL B 103 9.50 1.62 7.95
C VAL B 103 8.30 1.76 6.92
C VAL B 103 8.33 1.61 6.95
N SER B 104 8.69 1.52 5.67
CA SER B 104 7.76 1.39 4.54
C SER B 104 8.35 0.31 3.63
N MET B 105 7.97 -0.93 3.91
CA MET B 105 8.33 -2.10 3.10
C MET B 105 7.02 -2.60 2.49
N GLY B 106 7.03 -2.71 1.16
CA GLY B 106 5.82 -3.07 0.44
C GLY B 106 5.91 -4.41 -0.27
N SER B 107 4.82 -4.75 -0.95
CA SER B 107 4.75 -5.96 -1.79
C SER B 107 3.68 -5.75 -2.86
N GLY B 108 3.89 -6.32 -4.03
CA GLY B 108 2.93 -6.22 -5.16
C GLY B 108 1.75 -7.16 -4.95
N ILE B 109 2.04 -8.40 -4.57
CA ILE B 109 1.08 -9.54 -4.55
C ILE B 109 0.91 -10.07 -3.12
N GLY B 110 1.89 -9.91 -2.22
CA GLY B 110 1.78 -10.35 -0.83
C GLY B 110 1.73 -11.87 -0.72
N GLY B 111 0.91 -12.41 0.18
CA GLY B 111 1.15 -13.75 0.70
C GLY B 111 0.42 -14.83 -0.08
N LEU B 112 0.65 -14.92 -1.38
CA LEU B 112 -0.05 -15.91 -2.26
C LEU B 112 0.23 -17.35 -1.82
N THR B 113 1.46 -17.68 -1.42
CA THR B 113 1.86 -19.03 -0.97
C THR B 113 1.00 -19.44 0.23
N ASN B 114 0.94 -18.59 1.26
N ASN B 114 0.90 -18.57 1.23
CA ASN B 114 0.13 -18.83 2.47
CA ASN B 114 0.12 -18.84 2.46
C ASN B 114 -1.36 -18.94 2.08
C ASN B 114 -1.38 -18.89 2.13
N ILE B 115 -1.85 -18.06 1.20
CA ILE B 115 -3.26 -18.08 0.77
C ILE B 115 -3.56 -19.41 0.08
N GLU B 116 -2.69 -19.83 -0.81
CA GLU B 116 -2.81 -21.12 -1.53
C GLU B 116 -2.88 -22.28 -0.53
N ASN B 117 -1.97 -22.34 0.43
CA ASN B 117 -1.91 -23.46 1.39
C ASN B 117 -3.15 -23.40 2.29
N ASN B 118 -3.68 -22.21 2.60
CA ASN B 118 -4.88 -22.15 3.49
C ASN B 118 -6.16 -22.41 2.68
N CYS B 119 -6.16 -22.14 1.37
CA CYS B 119 -7.27 -22.59 0.47
C CYS B 119 -7.37 -24.11 0.50
N ARG B 120 -6.22 -24.77 0.41
CA ARG B 120 -6.16 -26.25 0.48
C ARG B 120 -6.86 -26.68 1.79
N SER B 121 -6.41 -26.22 2.96
CA SER B 121 -7.06 -26.57 4.26
C SER B 121 -8.59 -26.34 4.14
N LEU B 122 -9.00 -25.14 3.77
CA LEU B 122 -10.42 -24.72 3.70
C LEU B 122 -11.23 -25.67 2.81
N PHE B 123 -10.80 -25.91 1.57
CA PHE B 123 -11.56 -26.75 0.60
C PHE B 123 -11.59 -28.21 1.08
N GLU B 124 -10.51 -28.70 1.68
CA GLU B 124 -10.34 -30.15 2.00
C GLU B 124 -10.97 -30.50 3.36
N GLN B 125 -10.87 -29.59 4.33
N GLN B 125 -10.89 -29.63 4.37
CA GLN B 125 -11.18 -29.85 5.77
CA GLN B 125 -11.42 -29.94 5.72
C GLN B 125 -12.16 -28.80 6.35
C GLN B 125 -12.06 -28.72 6.39
N GLY B 126 -12.52 -27.74 5.61
CA GLY B 126 -13.39 -26.67 6.14
C GLY B 126 -12.63 -25.60 6.95
N PRO B 127 -13.34 -24.56 7.41
CA PRO B 127 -12.70 -23.36 7.95
C PRO B 127 -11.97 -23.56 9.29
N ARG B 128 -12.33 -24.58 10.06
CA ARG B 128 -11.82 -24.75 11.43
C ARG B 128 -10.35 -25.22 11.37
N ARG B 129 -9.84 -25.64 10.21
CA ARG B 129 -8.42 -26.01 10.02
C ARG B 129 -7.57 -24.89 9.41
N ILE B 130 -8.15 -23.72 9.12
CA ILE B 130 -7.36 -22.53 8.71
C ILE B 130 -6.44 -22.14 9.87
N SER B 131 -5.17 -21.90 9.59
CA SER B 131 -4.20 -21.45 10.63
C SER B 131 -4.66 -20.17 11.34
N PRO B 132 -4.59 -20.13 12.69
CA PRO B 132 -4.76 -18.90 13.46
C PRO B 132 -3.90 -17.70 13.03
N PHE B 133 -2.72 -17.96 12.50
CA PHE B 133 -1.77 -16.88 12.09
C PHE B 133 -1.95 -16.60 10.59
N PHE B 134 -2.94 -17.19 9.93
CA PHE B 134 -3.18 -16.93 8.50
C PHE B 134 -3.28 -15.42 8.23
N VAL B 135 -4.16 -14.65 8.90
CA VAL B 135 -4.33 -13.23 8.48
C VAL B 135 -3.05 -12.45 8.79
N PRO B 136 -2.57 -12.40 10.05
CA PRO B 136 -1.42 -11.55 10.33
C PRO B 136 -0.14 -12.05 9.65
N GLY B 137 -0.05 -13.34 9.30
CA GLY B 137 1.15 -13.88 8.63
C GLY B 137 1.09 -13.74 7.12
N SER B 138 0.04 -13.13 6.55
CA SER B 138 -0.17 -13.06 5.08
C SER B 138 -0.31 -11.63 4.57
N ILE B 139 -0.60 -10.66 5.42
CA ILE B 139 -0.96 -9.28 4.99
C ILE B 139 0.31 -8.47 4.72
N ILE B 140 0.22 -7.58 3.75
CA ILE B 140 1.42 -6.93 3.16
C ILE B 140 2.11 -6.05 4.21
N ASN B 141 1.37 -5.43 5.12
CA ASN B 141 1.98 -4.45 6.05
C ASN B 141 2.75 -5.14 7.18
N MET B 142 2.85 -6.48 7.19
CA MET B 142 3.51 -7.17 8.32
C MET B 142 5.03 -7.17 8.21
N VAL B 143 5.65 -6.83 7.08
CA VAL B 143 7.11 -6.61 7.10
C VAL B 143 7.36 -5.37 7.93
N SER B 144 6.63 -4.27 7.66
CA SER B 144 6.77 -3.02 8.44
C SER B 144 6.38 -3.31 9.90
N GLY B 145 5.30 -4.06 10.09
CA GLY B 145 4.81 -4.41 11.44
C GLY B 145 5.88 -5.15 12.22
N PHE B 146 6.32 -6.33 11.73
CA PHE B 146 7.25 -7.22 12.50
C PHE B 146 8.59 -6.51 12.66
N LEU B 147 9.03 -5.79 11.63
CA LEU B 147 10.33 -5.07 11.76
C LEU B 147 10.25 -4.05 12.88
N SER B 148 9.19 -3.24 12.90
N SER B 148 9.19 -3.24 12.87
CA SER B 148 8.99 -2.20 13.94
CA SER B 148 8.91 -2.22 13.92
C SER B 148 8.95 -2.85 15.34
C SER B 148 8.95 -2.86 15.32
N ILE B 149 8.27 -4.00 15.48
CA ILE B 149 8.20 -4.69 16.80
C ILE B 149 9.58 -5.20 17.18
N HIS B 150 10.30 -5.81 16.26
CA HIS B 150 11.59 -6.45 16.59
C HIS B 150 12.63 -5.39 16.97
N LEU B 151 12.64 -4.24 16.31
CA LEU B 151 13.72 -3.22 16.51
C LEU B 151 13.22 -2.05 17.35
N GLY B 152 11.95 -2.01 17.74
CA GLY B 152 11.38 -0.97 18.60
C GLY B 152 11.21 0.34 17.84
N LEU B 153 10.87 0.28 16.55
CA LEU B 153 10.71 1.50 15.70
C LEU B 153 9.30 2.08 15.90
N GLN B 154 9.20 3.36 16.24
CA GLN B 154 7.89 3.97 16.59
C GLN B 154 7.51 5.08 15.60
N GLY B 155 8.34 5.33 14.58
CA GLY B 155 8.07 6.33 13.54
C GLY B 155 7.00 5.84 12.55
N PRO B 156 6.79 6.59 11.47
CA PRO B 156 5.80 6.25 10.47
C PRO B 156 5.97 4.80 10.05
N ASN B 157 4.85 4.09 10.08
N ASN B 157 4.85 4.07 10.03
CA ASN B 157 4.79 2.63 9.82
CA ASN B 157 4.81 2.61 9.84
C ASN B 157 3.71 2.37 8.78
C ASN B 157 3.72 2.29 8.81
N TYR B 158 4.10 2.00 7.56
CA TYR B 158 3.12 1.79 6.48
C TYR B 158 3.70 0.89 5.41
N ALA B 159 2.87 0.58 4.42
CA ALA B 159 3.24 -0.33 3.32
C ALA B 159 2.52 0.13 2.06
N LEU B 160 3.26 0.25 0.99
CA LEU B 160 2.69 0.50 -0.35
C LEU B 160 2.41 -0.85 -1.03
N THR B 161 1.47 -0.83 -1.94
CA THR B 161 1.26 -1.95 -2.87
C THR B 161 0.84 -1.33 -4.21
N THR B 162 1.84 -1.11 -5.08
CA THR B 162 1.68 -0.51 -6.42
C THR B 162 2.26 -1.48 -7.43
N ALA B 163 1.94 -2.77 -7.28
CA ALA B 163 2.34 -3.78 -8.26
C ALA B 163 3.84 -3.71 -8.51
N GLN B 164 4.25 -3.63 -9.76
CA GLN B 164 5.67 -3.67 -10.13
C GLN B 164 6.36 -2.34 -9.75
N THR B 165 5.64 -1.33 -9.27
CA THR B 165 6.22 0.01 -8.94
C THR B 165 6.46 0.09 -7.42
N THR B 166 6.05 -0.94 -6.68
CA THR B 166 6.01 -0.91 -5.19
C THR B 166 7.34 -0.43 -4.60
N GLY B 167 8.47 -1.10 -4.92
CA GLY B 167 9.77 -0.83 -4.28
C GLY B 167 10.22 0.61 -4.55
N THR B 168 9.97 1.13 -5.73
CA THR B 168 10.32 2.54 -6.11
C THR B 168 9.48 3.52 -5.31
N HIS B 169 8.18 3.34 -5.25
CA HIS B 169 7.29 4.27 -4.54
C HIS B 169 7.64 4.21 -3.06
N SER B 170 7.91 3.01 -2.55
CA SER B 170 8.17 2.84 -1.08
C SER B 170 9.38 3.70 -0.71
N ILE B 171 10.45 3.58 -1.50
CA ILE B 171 11.67 4.38 -1.23
C ILE B 171 11.42 5.88 -1.41
N GLY B 172 10.72 6.27 -2.46
CA GLY B 172 10.45 7.68 -2.71
C GLY B 172 9.66 8.33 -1.61
N MET B 173 8.59 7.66 -1.18
N MET B 173 8.60 7.66 -1.17
CA MET B 173 7.66 8.21 -0.16
CA MET B 173 7.69 8.25 -0.14
C MET B 173 8.35 8.22 1.22
C MET B 173 8.39 8.24 1.23
N ALA B 174 9.22 7.24 1.50
CA ALA B 174 10.03 7.23 2.74
C ALA B 174 10.98 8.45 2.70
N ALA B 175 11.53 8.74 1.52
CA ALA B 175 12.41 9.91 1.35
C ALA B 175 11.63 11.18 1.65
N ARG B 176 10.36 11.27 1.23
CA ARG B 176 9.53 12.46 1.53
C ARG B 176 9.37 12.58 3.06
N ASN B 177 9.09 11.46 3.74
CA ASN B 177 8.89 11.49 5.20
C ASN B 177 10.13 12.18 5.80
N ILE B 178 11.32 11.78 5.35
CA ILE B 178 12.54 12.36 5.97
C ILE B 178 12.75 13.82 5.58
N ALA B 179 12.60 14.13 4.32
CA ALA B 179 12.87 15.48 3.74
C ALA B 179 11.96 16.51 4.40
N TYR B 180 10.75 16.12 4.76
CA TYR B 180 9.72 17.05 5.30
C TYR B 180 9.63 16.92 6.82
N GLY B 181 10.55 16.18 7.46
CA GLY B 181 10.69 16.22 8.92
C GLY B 181 9.77 15.31 9.73
N GLU B 182 9.13 14.34 9.08
N GLU B 182 9.06 14.36 9.10
CA GLU B 182 8.20 13.38 9.72
CA GLU B 182 8.20 13.39 9.84
C GLU B 182 8.99 12.20 10.29
C GLU B 182 9.05 12.24 10.41
N ALA B 183 10.25 12.04 9.88
CA ALA B 183 11.16 10.98 10.36
C ALA B 183 12.59 11.42 10.08
N ASP B 184 13.55 10.88 10.82
CA ASP B 184 14.98 11.10 10.50
C ASP B 184 15.55 9.90 9.78
N VAL B 185 14.96 8.71 9.98
CA VAL B 185 15.44 7.42 9.38
C VAL B 185 14.21 6.63 8.95
N MET B 186 14.27 6.05 7.76
CA MET B 186 13.25 5.09 7.28
C MET B 186 13.95 3.86 6.69
N VAL B 187 13.39 2.68 6.97
CA VAL B 187 13.78 1.44 6.25
C VAL B 187 12.76 1.27 5.12
N ALA B 188 13.18 1.20 3.87
CA ALA B 188 12.21 1.26 2.76
C ALA B 188 12.58 0.31 1.66
N GLY B 189 11.58 -0.21 0.96
CA GLY B 189 11.84 -1.17 -0.12
C GLY B 189 10.65 -2.07 -0.32
N GLY B 190 10.89 -3.32 -0.63
CA GLY B 190 9.82 -4.26 -0.99
C GLY B 190 10.31 -5.68 -1.03
N SER B 191 9.36 -6.62 -1.08
CA SER B 191 9.65 -8.05 -1.08
C SER B 191 8.50 -8.76 -1.81
N GLU B 192 8.79 -9.93 -2.32
CA GLU B 192 7.84 -10.65 -3.18
C GLU B 192 8.24 -12.11 -3.22
N MET B 193 7.24 -12.99 -3.09
N MET B 193 7.22 -12.99 -3.11
CA MET B 193 7.37 -14.45 -3.37
CA MET B 193 7.33 -14.45 -3.31
C MET B 193 6.05 -14.92 -3.95
C MET B 193 6.05 -14.96 -3.95
N ALA B 194 5.89 -14.77 -5.26
CA ALA B 194 4.66 -15.14 -6.00
C ALA B 194 4.90 -16.41 -6.83
N ALA B 195 5.98 -17.15 -6.61
CA ALA B 195 6.21 -18.43 -7.37
C ALA B 195 5.38 -19.52 -6.70
N CYS B 196 4.08 -19.45 -6.85
CA CYS B 196 3.19 -20.56 -6.48
C CYS B 196 2.34 -20.80 -7.70
N GLY B 197 1.49 -21.81 -7.62
CA GLY B 197 0.53 -22.13 -8.69
C GLY B 197 -0.18 -20.87 -9.12
N LEU B 198 -0.73 -20.13 -8.17
CA LEU B 198 -1.53 -18.92 -8.45
C LEU B 198 -0.66 -17.88 -9.17
N GLY B 199 0.61 -17.72 -8.81
CA GLY B 199 1.46 -16.68 -9.43
C GLY B 199 1.86 -17.09 -10.84
N LEU B 200 2.50 -18.24 -10.98
CA LEU B 200 2.91 -18.73 -12.32
C LEU B 200 1.66 -18.95 -13.15
N GLY B 201 0.60 -19.52 -12.57
CA GLY B 201 -0.68 -19.75 -13.26
C GLY B 201 -1.38 -18.47 -13.63
N GLY B 202 -1.42 -17.49 -12.73
CA GLY B 202 -2.13 -16.23 -12.97
C GLY B 202 -1.44 -15.38 -14.04
N PHE B 203 -0.13 -15.20 -13.96
CA PHE B 203 0.60 -14.43 -15.00
C PHE B 203 0.56 -15.19 -16.32
N GLY B 204 0.69 -16.51 -16.23
CA GLY B 204 0.59 -17.45 -17.37
C GLY B 204 -0.73 -17.32 -18.09
N ALA B 205 -1.85 -17.22 -17.36
CA ALA B 205 -3.19 -17.14 -17.97
C ALA B 205 -3.31 -15.82 -18.72
N ALA B 206 -2.58 -14.79 -18.29
CA ALA B 206 -2.52 -13.46 -18.97
C ALA B 206 -1.50 -13.52 -20.12
N ARG B 207 -0.81 -14.63 -20.32
CA ARG B 207 0.27 -14.86 -21.33
C ARG B 207 1.30 -13.72 -21.27
N ALA B 208 1.61 -13.25 -20.06
CA ALA B 208 2.55 -12.15 -19.76
C ALA B 208 3.98 -12.69 -19.61
N LEU B 209 4.13 -13.98 -19.40
CA LEU B 209 5.44 -14.60 -19.08
C LEU B 209 6.12 -15.12 -20.36
N SER B 210 7.43 -15.00 -20.40
CA SER B 210 8.26 -15.82 -21.31
C SER B 210 7.94 -17.30 -21.08
N THR B 211 7.82 -18.09 -22.18
CA THR B 211 7.65 -19.54 -22.15
C THR B 211 8.88 -20.24 -22.75
N ARG B 212 10.05 -19.59 -22.71
CA ARG B 212 11.33 -20.12 -23.22
C ARG B 212 11.90 -21.18 -22.25
N ASN B 213 11.19 -22.28 -22.06
CA ASN B 213 11.46 -23.31 -21.02
C ASN B 213 12.76 -24.03 -21.30
N ASP B 214 13.15 -24.13 -22.57
CA ASP B 214 14.32 -24.90 -23.00
C ASP B 214 15.59 -24.13 -22.58
N GLU B 215 15.53 -22.80 -22.44
CA GLU B 215 16.73 -21.98 -22.16
C GLU B 215 16.38 -20.84 -21.20
N PRO B 216 16.11 -21.20 -19.92
CA PRO B 216 15.62 -20.21 -18.96
C PRO B 216 16.54 -19.00 -18.81
N THR B 217 17.86 -19.22 -18.90
CA THR B 217 18.84 -18.11 -18.68
C THR B 217 18.77 -17.12 -19.84
N ARG B 218 18.22 -17.53 -20.99
CA ARG B 218 18.09 -16.63 -22.16
C ARG B 218 16.69 -16.03 -22.25
N ALA B 219 15.76 -16.37 -21.34
CA ALA B 219 14.35 -15.92 -21.45
C ALA B 219 14.26 -14.41 -21.32
N SER B 220 14.91 -13.82 -20.29
CA SER B 220 14.77 -12.38 -19.97
C SER B 220 15.73 -11.62 -20.88
N ARG B 221 15.21 -10.94 -21.91
CA ARG B 221 16.09 -10.38 -22.97
C ARG B 221 15.55 -9.03 -23.38
N PRO B 222 15.62 -8.04 -22.46
CA PRO B 222 15.00 -6.73 -22.68
C PRO B 222 15.56 -6.12 -23.98
N TRP B 223 14.64 -5.54 -24.75
CA TRP B 223 14.89 -4.84 -26.05
C TRP B 223 15.38 -5.77 -27.15
N ASP B 224 15.54 -7.07 -26.89
CA ASP B 224 15.91 -8.07 -27.93
C ASP B 224 14.67 -8.40 -28.77
N ARG B 225 14.86 -8.61 -30.08
CA ARG B 225 13.70 -8.77 -31.01
C ARG B 225 12.99 -10.10 -30.75
N ASP B 226 13.57 -11.03 -30.01
CA ASP B 226 13.01 -12.39 -29.73
C ASP B 226 12.44 -12.50 -28.31
N ARG B 227 12.27 -11.39 -27.61
CA ARG B 227 11.68 -11.38 -26.24
C ARG B 227 10.22 -11.81 -26.33
N ASP B 228 9.69 -12.40 -25.26
CA ASP B 228 8.32 -12.98 -25.29
C ASP B 228 7.70 -12.87 -23.88
N GLY B 229 8.05 -11.83 -23.13
CA GLY B 229 7.45 -11.50 -21.83
C GLY B 229 8.41 -11.66 -20.69
N PHE B 230 7.94 -11.37 -19.48
CA PHE B 230 8.88 -11.23 -18.34
C PHE B 230 9.08 -12.61 -17.72
N VAL B 231 10.04 -12.64 -16.82
CA VAL B 231 10.42 -13.81 -16.00
C VAL B 231 10.07 -13.49 -14.54
N LEU B 232 9.35 -14.38 -13.88
CA LEU B 232 8.90 -14.14 -12.50
C LEU B 232 10.05 -14.44 -11.55
N SER B 233 10.36 -13.50 -10.67
CA SER B 233 11.41 -13.73 -9.67
C SER B 233 10.99 -13.25 -8.27
N ASP B 234 11.79 -13.73 -7.32
CA ASP B 234 11.47 -13.65 -5.87
C ASP B 234 12.62 -12.92 -5.19
N GLY B 235 12.34 -12.28 -4.08
CA GLY B 235 13.39 -11.72 -3.21
C GLY B 235 12.94 -10.45 -2.55
N SER B 236 13.90 -9.58 -2.21
CA SER B 236 13.63 -8.39 -1.39
C SER B 236 14.79 -7.41 -1.55
N GLY B 237 14.45 -6.14 -1.37
CA GLY B 237 15.45 -5.07 -1.22
C GLY B 237 15.02 -4.12 -0.13
N ALA B 238 15.97 -3.68 0.68
CA ALA B 238 15.71 -2.69 1.73
C ALA B 238 16.84 -1.70 1.78
N LEU B 239 16.47 -0.43 1.91
CA LEU B 239 17.49 0.63 2.08
C LEU B 239 17.23 1.32 3.40
N VAL B 240 18.30 1.73 4.07
CA VAL B 240 18.21 2.69 5.18
C VAL B 240 18.41 4.09 4.62
N LEU B 241 17.34 4.86 4.60
CA LEU B 241 17.32 6.29 4.22
C LEU B 241 17.48 7.11 5.49
N GLU B 242 18.22 8.21 5.42
CA GLU B 242 18.60 8.93 6.64
C GLU B 242 18.79 10.40 6.28
N GLU B 243 18.33 11.27 7.15
CA GLU B 243 18.58 12.71 7.01
C GLU B 243 20.11 12.95 7.04
N LEU B 244 20.59 13.88 6.22
CA LEU B 244 22.05 14.04 5.98
C LEU B 244 22.75 14.44 7.26
N GLU B 245 22.27 15.42 7.98
CA GLU B 245 22.94 15.91 9.22
C GLU B 245 22.95 14.81 10.27
N HIS B 246 21.88 14.03 10.37
CA HIS B 246 21.78 12.85 11.27
C HIS B 246 22.89 11.84 10.92
N ALA B 247 23.09 11.53 9.64
CA ALA B 247 24.08 10.57 9.16
C ALA B 247 25.48 11.12 9.48
N ARG B 248 25.73 12.39 9.19
CA ARG B 248 27.07 13.00 9.46
C ARG B 248 27.35 12.99 10.96
N ALA B 249 26.37 13.33 11.78
CA ALA B 249 26.59 13.50 13.22
C ALA B 249 27.06 12.18 13.86
N ARG B 250 26.65 11.03 13.32
CA ARG B 250 27.05 9.72 13.92
C ARG B 250 28.18 9.07 13.12
N GLY B 251 28.72 9.72 12.08
CA GLY B 251 29.81 9.20 11.24
C GLY B 251 29.39 8.04 10.36
N ALA B 252 28.14 8.07 9.90
CA ALA B 252 27.59 7.03 9.02
C ALA B 252 28.43 6.99 7.74
N ARG B 253 28.57 5.81 7.17
CA ARG B 253 29.08 5.64 5.80
C ARG B 253 27.90 5.96 4.89
N ILE B 254 28.08 6.89 3.96
CA ILE B 254 27.01 7.33 3.03
C ILE B 254 27.30 6.77 1.64
N TYR B 255 26.41 5.94 1.10
CA TYR B 255 26.63 5.36 -0.24
C TYR B 255 26.36 6.39 -1.36
N ALA B 256 25.33 7.19 -1.23
CA ALA B 256 24.79 8.10 -2.27
C ALA B 256 23.70 8.95 -1.66
N GLU B 257 23.29 9.97 -2.40
CA GLU B 257 22.19 10.86 -2.00
C GLU B 257 20.98 10.56 -2.90
N LEU B 258 19.81 10.54 -2.29
CA LEU B 258 18.54 10.44 -3.03
C LEU B 258 18.04 11.88 -3.21
N VAL B 259 18.14 12.39 -4.44
CA VAL B 259 17.89 13.83 -4.75
C VAL B 259 16.53 14.03 -5.42
N GLY B 260 15.94 12.98 -6.03
CA GLY B 260 14.68 13.15 -6.78
C GLY B 260 13.76 11.93 -6.66
N PHE B 261 12.48 12.22 -6.69
CA PHE B 261 11.41 11.23 -6.76
C PHE B 261 10.27 11.80 -7.62
N GLY B 262 9.91 11.02 -8.60
CA GLY B 262 8.80 11.34 -9.50
C GLY B 262 7.79 10.22 -9.52
N MET B 263 6.56 10.63 -9.76
CA MET B 263 5.42 9.72 -9.96
C MET B 263 4.59 10.25 -11.13
N SER B 264 3.90 9.35 -11.77
CA SER B 264 2.85 9.70 -12.73
C SER B 264 1.93 8.49 -12.90
N GLY B 265 0.76 8.74 -13.50
CA GLY B 265 -0.14 7.71 -14.04
C GLY B 265 -0.24 7.89 -15.55
N ASP B 266 -0.12 6.79 -16.28
CA ASP B 266 -0.38 6.74 -17.73
C ASP B 266 -1.85 7.10 -18.00
N ALA B 267 -2.77 6.65 -17.14
CA ALA B 267 -4.24 6.69 -17.42
C ALA B 267 -4.53 6.13 -18.84
N PHE B 268 -3.97 4.98 -19.15
CA PHE B 268 -3.96 4.39 -20.52
C PHE B 268 -4.55 2.99 -20.52
N HIS B 269 -3.84 1.97 -20.01
CA HIS B 269 -4.31 0.55 -20.01
C HIS B 269 -3.96 -0.17 -18.70
N MET B 270 -4.69 -1.25 -18.39
CA MET B 270 -4.61 -1.97 -17.09
C MET B 270 -3.25 -2.67 -16.96
N THR B 271 -2.65 -3.11 -18.06
CA THR B 271 -1.38 -3.89 -18.01
C THR B 271 -0.36 -3.41 -19.06
N ALA B 272 -0.74 -2.77 -20.16
CA ALA B 272 0.21 -2.35 -21.23
C ALA B 272 0.44 -0.85 -21.15
N PRO B 273 1.66 -0.33 -21.41
CA PRO B 273 1.90 1.12 -21.41
C PRO B 273 1.58 1.71 -22.76
N PRO B 274 1.42 3.03 -22.92
CA PRO B 274 1.27 3.63 -24.25
C PRO B 274 2.56 3.44 -25.06
N GLU B 275 2.42 3.32 -26.39
CA GLU B 275 3.52 2.98 -27.31
C GLU B 275 4.68 3.97 -27.16
N ASP B 276 4.34 5.25 -26.96
CA ASP B 276 5.29 6.40 -26.90
C ASP B 276 5.79 6.65 -25.45
N GLY B 277 5.32 5.89 -24.45
CA GLY B 277 5.77 6.01 -23.04
C GLY B 277 5.59 7.41 -22.48
N ALA B 278 4.51 8.11 -22.88
CA ALA B 278 4.23 9.48 -22.46
C ALA B 278 4.25 9.56 -20.92
N GLY B 279 3.67 8.55 -20.27
CA GLY B 279 3.53 8.57 -18.79
C GLY B 279 4.88 8.41 -18.13
N ALA B 280 5.68 7.49 -18.65
CA ALA B 280 7.05 7.24 -18.13
C ALA B 280 7.88 8.52 -18.37
N ALA B 281 7.69 9.19 -19.51
CA ALA B 281 8.41 10.46 -19.80
C ALA B 281 8.03 11.55 -18.80
N ARG B 282 6.75 11.72 -18.49
CA ARG B 282 6.25 12.69 -17.48
C ARG B 282 6.89 12.36 -16.12
N CYS B 283 6.93 11.09 -15.79
CA CYS B 283 7.43 10.67 -14.47
C CYS B 283 8.93 11.00 -14.38
N MET B 284 9.71 10.63 -15.37
CA MET B 284 11.16 10.98 -15.35
C MET B 284 11.33 12.51 -15.28
N LYS B 285 10.54 13.28 -16.05
CA LYS B 285 10.62 14.77 -16.00
C LYS B 285 10.28 15.27 -14.59
N ASN B 286 9.28 14.69 -13.95
CA ASN B 286 8.89 15.10 -12.59
C ASN B 286 10.04 14.84 -11.62
N ALA B 287 10.71 13.70 -11.74
CA ALA B 287 11.81 13.31 -10.85
C ALA B 287 13.00 14.27 -11.02
N LEU B 288 13.31 14.59 -12.27
CA LEU B 288 14.43 15.52 -12.54
C LEU B 288 14.09 16.92 -12.04
N ARG B 289 12.87 17.41 -12.28
CA ARG B 289 12.39 18.69 -11.69
C ARG B 289 12.55 18.63 -10.17
N ASP B 290 12.09 17.54 -9.52
CA ASP B 290 12.16 17.42 -8.05
C ASP B 290 13.63 17.50 -7.59
N ALA B 291 14.58 17.00 -8.35
CA ALA B 291 16.03 17.02 -8.04
C ALA B 291 16.71 18.34 -8.45
N GLY B 292 16.02 19.19 -9.20
CA GLY B 292 16.58 20.45 -9.77
C GLY B 292 17.70 20.14 -10.77
N LEU B 293 17.59 19.03 -11.49
CA LEU B 293 18.57 18.61 -12.51
C LEU B 293 18.01 18.71 -13.92
N ASP B 294 18.87 19.13 -14.84
N ASP B 294 18.84 19.15 -14.86
CA ASP B 294 18.65 19.10 -16.31
CA ASP B 294 18.54 19.09 -16.30
C ASP B 294 18.78 17.66 -16.79
C ASP B 294 18.76 17.67 -16.78
N PRO B 295 17.93 17.17 -17.74
CA PRO B 295 18.15 15.85 -18.31
C PRO B 295 19.59 15.52 -18.72
N ARG B 296 20.35 16.53 -19.18
CA ARG B 296 21.74 16.38 -19.63
C ARG B 296 22.66 15.87 -18.51
N GLN B 297 22.27 16.04 -17.25
CA GLN B 297 23.11 15.63 -16.11
C GLN B 297 22.96 14.14 -15.79
N VAL B 298 22.01 13.44 -16.41
CA VAL B 298 21.83 11.99 -16.15
C VAL B 298 22.90 11.18 -16.86
N ASP B 299 23.52 10.24 -16.15
CA ASP B 299 24.59 9.39 -16.71
C ASP B 299 24.11 7.95 -16.89
N TYR B 300 23.26 7.46 -16.00
CA TYR B 300 22.92 6.02 -15.98
C TYR B 300 21.45 5.87 -15.61
N ILE B 301 20.75 5.05 -16.37
CA ILE B 301 19.35 4.67 -16.05
C ILE B 301 19.29 3.16 -15.84
N ASN B 302 18.83 2.74 -14.66
CA ASN B 302 18.36 1.37 -14.44
C ASN B 302 16.92 1.33 -14.91
N ALA B 303 16.70 0.79 -16.10
CA ALA B 303 15.39 0.75 -16.77
C ALA B 303 14.47 -0.16 -15.97
N HIS B 304 13.16 -0.05 -16.20
CA HIS B 304 12.22 -1.10 -15.78
C HIS B 304 12.50 -2.36 -16.60
N GLY B 305 12.59 -2.22 -17.93
CA GLY B 305 13.14 -3.25 -18.84
C GLY B 305 12.70 -4.67 -18.53
N THR B 306 11.41 -4.94 -18.60
CA THR B 306 10.82 -6.24 -18.17
C THR B 306 10.96 -7.37 -19.20
N SER B 307 11.36 -7.08 -20.46
CA SER B 307 11.38 -8.08 -21.57
C SER B 307 9.98 -8.33 -22.16
N THR B 308 9.06 -7.40 -21.99
CA THR B 308 7.76 -7.43 -22.70
C THR B 308 7.89 -6.64 -24.00
N PRO B 309 7.24 -7.09 -25.08
CA PRO B 309 7.27 -6.34 -26.33
C PRO B 309 6.95 -4.85 -26.14
N ALA B 310 5.80 -4.53 -25.57
CA ALA B 310 5.29 -3.13 -25.52
C ALA B 310 6.05 -2.31 -24.46
N GLY B 311 6.34 -2.88 -23.29
CA GLY B 311 6.95 -2.10 -22.20
C GLY B 311 8.35 -1.64 -22.61
N ASP B 312 9.15 -2.54 -23.14
CA ASP B 312 10.57 -2.24 -23.50
C ASP B 312 10.61 -1.10 -24.51
N ILE B 313 9.75 -1.10 -25.53
CA ILE B 313 9.78 -0.08 -26.61
C ILE B 313 9.25 1.27 -26.09
N ALA B 314 8.24 1.27 -25.20
CA ALA B 314 7.73 2.48 -24.53
C ALA B 314 8.85 3.22 -23.78
N GLU B 315 9.74 2.48 -23.11
N GLU B 315 9.75 2.46 -23.15
CA GLU B 315 10.85 3.07 -22.31
CA GLU B 315 10.83 3.03 -22.32
C GLU B 315 11.87 3.73 -23.25
C GLU B 315 11.88 3.69 -23.22
N ILE B 316 12.20 3.09 -24.36
CA ILE B 316 13.09 3.71 -25.39
C ILE B 316 12.44 5.02 -25.83
N ALA B 317 11.16 5.02 -26.24
CA ALA B 317 10.48 6.27 -26.65
C ALA B 317 10.53 7.32 -25.56
N ALA B 318 10.25 6.91 -24.30
CA ALA B 318 10.20 7.85 -23.17
C ALA B 318 11.58 8.48 -22.96
N VAL B 319 12.65 7.70 -23.01
CA VAL B 319 14.04 8.21 -22.81
C VAL B 319 14.43 9.15 -23.96
N LYS B 320 14.12 8.80 -25.21
CA LYS B 320 14.41 9.71 -26.36
C LYS B 320 13.69 11.04 -26.16
N SER B 321 12.44 11.01 -25.70
CA SER B 321 11.60 12.20 -25.46
C SER B 321 12.23 13.10 -24.39
N VAL B 322 12.57 12.54 -23.24
CA VAL B 322 13.03 13.32 -22.07
C VAL B 322 14.41 13.89 -22.40
N PHE B 323 15.29 13.10 -23.03
CA PHE B 323 16.74 13.36 -23.01
C PHE B 323 17.21 13.96 -24.34
N GLY B 324 16.41 13.92 -25.40
CA GLY B 324 16.75 14.63 -26.67
C GLY B 324 18.17 14.26 -27.12
N GLU B 325 19.02 15.27 -27.36
CA GLU B 325 20.42 15.11 -27.86
C GLU B 325 21.32 14.36 -26.86
N HIS B 326 20.88 14.13 -25.62
CA HIS B 326 21.70 13.42 -24.60
C HIS B 326 21.30 11.94 -24.50
N ALA B 327 20.26 11.52 -25.20
CA ALA B 327 19.64 10.19 -24.98
C ALA B 327 20.63 9.05 -25.30
N HIS B 328 21.59 9.28 -26.22
CA HIS B 328 22.61 8.27 -26.58
C HIS B 328 23.82 8.35 -25.65
N ALA B 329 24.02 9.46 -24.93
CA ALA B 329 25.24 9.67 -24.12
C ALA B 329 25.11 8.94 -22.77
N LEU B 330 23.94 9.02 -22.16
CA LEU B 330 23.66 8.19 -20.96
C LEU B 330 23.75 6.71 -21.35
N SER B 331 23.95 5.87 -20.35
CA SER B 331 23.86 4.40 -20.47
C SER B 331 22.57 3.95 -19.79
N MET B 332 21.84 3.03 -20.40
CA MET B 332 20.58 2.49 -19.80
C MET B 332 20.68 0.98 -19.87
N SER B 333 20.48 0.30 -18.75
CA SER B 333 20.45 -1.18 -18.77
C SER B 333 19.30 -1.70 -17.91
N SER B 334 18.90 -2.92 -18.25
CA SER B 334 17.91 -3.71 -17.48
C SER B 334 18.64 -4.85 -16.79
N THR B 335 18.80 -4.72 -15.48
CA THR B 335 19.28 -5.83 -14.64
C THR B 335 18.24 -6.96 -14.55
N LYS B 336 16.99 -6.75 -14.97
CA LYS B 336 16.03 -7.88 -15.08
C LYS B 336 16.52 -8.92 -16.11
N SER B 337 17.41 -8.54 -17.02
CA SER B 337 18.04 -9.50 -17.95
C SER B 337 18.70 -10.64 -17.17
N MET B 338 19.18 -10.37 -15.95
CA MET B 338 19.87 -11.34 -15.07
C MET B 338 18.97 -11.79 -13.90
N THR B 339 18.25 -10.85 -13.28
CA THR B 339 17.50 -11.17 -12.02
C THR B 339 16.10 -11.70 -12.33
N GLY B 340 15.60 -11.47 -13.53
CA GLY B 340 14.16 -11.54 -13.78
C GLY B 340 13.43 -10.43 -13.02
N HIS B 341 12.12 -10.50 -12.97
CA HIS B 341 11.24 -9.41 -12.53
C HIS B 341 10.76 -9.73 -11.11
N LEU B 342 11.29 -9.02 -10.11
CA LEU B 342 10.92 -9.29 -8.68
C LEU B 342 9.61 -8.57 -8.30
N LEU B 343 8.86 -8.05 -9.28
CA LEU B 343 7.54 -7.41 -9.09
C LEU B 343 7.68 -6.30 -8.04
N GLY B 344 7.00 -6.42 -6.89
CA GLY B 344 7.04 -5.34 -5.89
C GLY B 344 8.44 -5.10 -5.33
N ALA B 345 9.35 -6.08 -5.41
CA ALA B 345 10.74 -5.91 -4.92
C ALA B 345 11.66 -5.43 -6.04
N ALA B 346 11.19 -5.37 -7.29
CA ALA B 346 12.05 -4.95 -8.42
C ALA B 346 12.66 -3.58 -8.17
N GLY B 347 11.84 -2.59 -7.83
CA GLY B 347 12.29 -1.23 -7.63
C GLY B 347 13.25 -1.12 -6.47
N ALA B 348 13.11 -2.01 -5.49
CA ALA B 348 14.01 -1.98 -4.32
C ALA B 348 15.41 -2.52 -4.69
N VAL B 349 15.50 -3.71 -5.28
CA VAL B 349 16.82 -4.28 -5.67
C VAL B 349 17.44 -3.36 -6.74
N GLU B 350 16.62 -2.73 -7.59
CA GLU B 350 17.20 -1.90 -8.69
C GLU B 350 17.68 -0.56 -8.18
N ALA B 351 17.04 0.02 -7.14
CA ALA B 351 17.55 1.20 -6.43
C ALA B 351 18.91 0.86 -5.83
N ILE B 352 19.07 -0.35 -5.29
CA ILE B 352 20.39 -0.76 -4.72
C ILE B 352 21.41 -0.86 -5.86
N PHE B 353 21.03 -1.46 -6.99
CA PHE B 353 21.96 -1.58 -8.13
C PHE B 353 22.33 -0.19 -8.66
N SER B 354 21.41 0.77 -8.63
CA SER B 354 21.67 2.15 -9.09
C SER B 354 22.68 2.84 -8.16
N VAL B 355 22.51 2.66 -6.86
CA VAL B 355 23.47 3.18 -5.83
C VAL B 355 24.85 2.53 -6.04
N LEU B 356 24.92 1.24 -6.33
CA LEU B 356 26.23 0.57 -6.49
C LEU B 356 26.88 0.98 -7.82
N ALA B 357 26.10 1.33 -8.82
CA ALA B 357 26.64 1.83 -10.11
C ALA B 357 27.35 3.16 -9.80
N LEU B 358 26.79 3.96 -8.92
CA LEU B 358 27.41 5.23 -8.48
C LEU B 358 28.70 4.91 -7.71
N ARG B 359 28.62 4.01 -6.75
CA ARG B 359 29.79 3.66 -5.88
C ARG B 359 30.94 3.19 -6.77
N ASP B 360 30.70 2.31 -7.73
CA ASP B 360 31.75 1.56 -8.45
C ASP B 360 32.01 2.12 -9.85
N GLN B 361 31.24 3.14 -10.25
CA GLN B 361 31.41 3.83 -11.55
C GLN B 361 31.34 2.80 -12.67
N VAL B 362 30.24 2.07 -12.74
CA VAL B 362 30.07 1.01 -13.75
C VAL B 362 28.58 0.83 -14.02
N ALA B 363 28.26 0.75 -15.30
CA ALA B 363 26.90 0.42 -15.80
C ALA B 363 26.81 -1.08 -15.91
N PRO B 364 25.88 -1.72 -15.16
CA PRO B 364 25.63 -3.12 -15.32
C PRO B 364 25.08 -3.41 -16.70
N PRO B 365 25.27 -4.64 -17.17
CA PRO B 365 24.90 -5.05 -18.50
C PRO B 365 23.41 -5.30 -18.66
N THR B 366 22.93 -5.17 -19.89
CA THR B 366 21.70 -5.88 -20.30
C THR B 366 22.16 -7.16 -20.97
N ILE B 367 22.14 -8.30 -20.29
CA ILE B 367 22.52 -9.56 -20.98
C ILE B 367 21.41 -10.00 -21.96
N ASN B 368 21.77 -10.89 -22.89
CA ASN B 368 20.87 -11.54 -23.89
C ASN B 368 20.43 -10.52 -24.95
N LEU B 369 21.01 -9.32 -25.01
CA LEU B 369 20.61 -8.30 -26.00
C LEU B 369 21.38 -8.57 -27.29
N ASP B 370 21.06 -9.68 -27.94
CA ASP B 370 21.78 -10.23 -29.11
C ASP B 370 21.41 -9.46 -30.37
N ASN B 371 20.14 -9.06 -30.50
CA ASN B 371 19.56 -8.44 -31.71
C ASN B 371 18.58 -7.36 -31.27
N PRO B 372 19.08 -6.15 -30.95
CA PRO B 372 18.23 -5.03 -30.62
C PRO B 372 17.11 -4.90 -31.63
N ASP B 373 15.92 -4.58 -31.12
CA ASP B 373 14.69 -4.45 -31.90
C ASP B 373 14.74 -3.10 -32.63
N GLU B 374 13.80 -2.91 -33.56
CA GLU B 374 13.57 -1.65 -34.30
C GLU B 374 13.59 -0.48 -33.30
N GLY B 375 14.52 0.46 -33.48
CA GLY B 375 14.56 1.70 -32.72
C GLY B 375 15.26 1.56 -31.38
N CYS B 376 15.69 0.36 -31.00
CA CYS B 376 16.39 0.15 -29.71
C CYS B 376 17.89 0.40 -29.98
N ASP B 377 18.24 1.63 -30.37
CA ASP B 377 19.62 1.96 -30.81
C ASP B 377 20.34 2.80 -29.74
N LEU B 378 19.82 2.84 -28.50
CA LEU B 378 20.47 3.59 -27.39
C LEU B 378 21.71 2.81 -26.91
N ASP B 379 22.45 3.34 -25.96
CA ASP B 379 23.51 2.55 -25.29
C ASP B 379 22.83 1.72 -24.19
N LEU B 380 22.49 0.48 -24.51
CA LEU B 380 21.74 -0.42 -23.61
C LEU B 380 22.71 -1.35 -22.89
N VAL B 381 24.00 -1.02 -22.96
CA VAL B 381 25.07 -1.80 -22.27
C VAL B 381 24.91 -3.28 -22.58
N ALA B 382 24.73 -3.65 -23.84
CA ALA B 382 24.53 -5.06 -24.20
C ALA B 382 25.71 -5.90 -23.70
N HIS B 383 25.37 -7.04 -23.09
CA HIS B 383 26.22 -8.22 -22.82
C HIS B 383 27.18 -8.07 -21.63
N GLU B 384 27.91 -6.96 -21.51
CA GLU B 384 29.03 -6.81 -20.56
C GLU B 384 28.97 -5.45 -19.85
N ALA B 385 29.32 -5.45 -18.57
CA ALA B 385 29.41 -4.22 -17.74
C ALA B 385 30.30 -3.19 -18.43
N LYS B 386 29.97 -1.92 -18.26
CA LYS B 386 30.73 -0.79 -18.86
C LYS B 386 31.14 0.18 -17.77
N PRO B 387 32.41 0.15 -17.33
CA PRO B 387 32.97 1.21 -16.50
C PRO B 387 32.82 2.54 -17.20
N ARG B 388 32.40 3.56 -16.46
CA ARG B 388 32.13 4.90 -17.03
C ARG B 388 31.91 5.89 -15.91
N LYS B 389 31.89 7.17 -16.24
CA LYS B 389 31.55 8.23 -15.29
C LYS B 389 30.04 8.19 -15.04
N ILE B 390 29.68 8.15 -13.77
CA ILE B 390 28.24 8.19 -13.34
C ILE B 390 28.17 9.11 -12.13
N ASP B 391 27.62 10.29 -12.31
CA ASP B 391 27.38 11.22 -11.20
C ASP B 391 25.91 11.10 -10.79
N VAL B 392 25.04 10.86 -11.77
CA VAL B 392 23.57 10.88 -11.55
C VAL B 392 22.98 9.63 -12.19
N ALA B 393 22.21 8.85 -11.41
CA ALA B 393 21.65 7.55 -11.81
C ALA B 393 20.14 7.60 -11.55
N LEU B 394 19.36 7.16 -12.52
CA LEU B 394 17.88 7.08 -12.38
C LEU B 394 17.54 5.60 -12.19
N SER B 395 16.43 5.32 -11.52
CA SER B 395 15.86 3.97 -11.50
C SER B 395 14.36 4.09 -11.74
N ASN B 396 13.86 3.45 -12.78
CA ASN B 396 12.47 3.56 -13.22
C ASN B 396 11.68 2.29 -12.90
N SER B 397 10.42 2.47 -12.57
CA SER B 397 9.43 1.35 -12.45
C SER B 397 8.12 1.82 -13.09
N PHE B 398 7.61 1.03 -14.05
CA PHE B 398 6.37 1.33 -14.82
C PHE B 398 5.48 0.06 -14.70
N GLY B 399 4.44 0.06 -13.84
CA GLY B 399 3.67 -1.12 -13.35
C GLY B 399 2.22 -1.21 -13.79
N PHE B 400 1.56 -2.36 -13.53
CA PHE B 400 0.14 -2.56 -13.83
C PHE B 400 -0.64 -1.36 -13.28
N GLY B 401 -1.63 -0.93 -14.04
CA GLY B 401 -2.43 0.24 -13.71
C GLY B 401 -1.86 1.52 -14.31
N GLY B 402 -0.76 1.45 -15.04
CA GLY B 402 -0.12 2.66 -15.57
C GLY B 402 0.59 3.46 -14.50
N THR B 403 0.94 2.83 -13.37
CA THR B 403 1.56 3.56 -12.25
C THR B 403 3.10 3.59 -12.41
N ASN B 404 3.68 4.80 -12.38
CA ASN B 404 5.08 5.05 -12.73
C ASN B 404 5.78 5.66 -11.51
N GLY B 405 7.01 5.24 -11.32
CA GLY B 405 7.91 5.87 -10.36
C GLY B 405 9.33 5.98 -10.91
N THR B 406 9.99 7.06 -10.55
CA THR B 406 11.42 7.29 -10.86
C THR B 406 12.14 7.83 -9.62
N LEU B 407 13.25 7.20 -9.27
CA LEU B 407 14.17 7.71 -8.24
C LEU B 407 15.42 8.30 -8.94
N VAL B 408 15.93 9.40 -8.41
CA VAL B 408 17.21 10.01 -8.88
C VAL B 408 18.20 9.97 -7.73
N PHE B 409 19.32 9.30 -7.93
CA PHE B 409 20.42 9.17 -6.97
C PHE B 409 21.60 9.99 -7.52
N ARG B 410 22.36 10.59 -6.63
CA ARG B 410 23.59 11.32 -7.07
C ARG B 410 24.75 10.89 -6.18
N ARG B 411 25.96 10.90 -6.72
CA ARG B 411 27.18 10.74 -5.89
C ARG B 411 27.19 11.74 -4.74
N PHE B 412 27.61 11.29 -3.56
CA PHE B 412 27.75 12.15 -2.35
C PHE B 412 29.23 12.34 -2.01
N ALA B 413 29.67 13.58 -1.73
CA ALA B 413 31.00 13.89 -1.14
C ALA B 413 30.92 15.20 -0.34
C10 RZS C . -21.51 9.00 -9.73
C01 RZS C . -25.20 8.05 -5.34
C02 RZS C . -25.33 8.36 -6.83
C04 RZS C . -23.40 8.63 -8.43
C05 RZS C . -23.82 7.55 -9.29
C06 RZS C . -23.04 7.23 -10.37
C07 RZS C . -21.86 7.96 -10.60
C08 RZS C . -21.04 7.67 -11.70
N03 RZS C . -24.11 9.02 -7.29
N09 RZS C . -20.34 7.45 -12.60
N11 RZS C . -22.25 9.35 -8.66
C10 RZS D . 5.69 15.51 1.44
C10 RZS D . 5.03 13.23 3.53
C01 RZS D . 5.19 10.34 2.72
C01 RZS D . 2.69 11.17 0.27
C02 RZS D . 4.25 11.34 3.43
C02 RZS D . 4.16 11.51 -0.07
C04 RZS D . 4.92 13.52 2.34
C04 RZS D . 4.75 13.49 1.25
C05 RZS D . 4.38 13.16 1.08
C05 RZS D . 5.03 14.86 1.32
C06 RZS D . 4.55 13.98 0.02
C06 RZS D . 5.34 15.39 2.52
C07 RZS D . 5.23 15.18 0.16
C07 RZS D . 5.28 14.59 3.67
C08 RZS D . 5.57 15.99 -0.91
C08 RZS D . 5.28 15.17 4.93
N03 RZS D . 4.86 12.68 3.44
N03 RZS D . 4.46 12.93 0.07
N09 RZS D . 5.87 16.69 -1.79
N09 RZS D . 5.23 15.68 5.99
N11 RZS D . 5.58 14.72 2.51
N11 RZS D . 4.76 12.65 2.35
S DMS E . -2.16 18.32 5.32
O DMS E . -0.76 17.86 5.31
C1 DMS E . -2.72 18.14 7.01
C2 DMS E . -2.11 20.11 5.31
S DMS F . -6.22 18.97 29.48
O DMS F . -7.70 19.35 29.78
C1 DMS F . -5.95 19.27 27.73
C2 DMS F . -5.26 20.33 30.15
S DMS G . -12.54 -18.37 -11.55
O DMS G . -11.30 -19.00 -12.19
C1 DMS G . -13.85 -19.57 -11.66
C2 DMS G . -13.14 -17.24 -12.78
S DMS H . 18.40 -10.62 12.79
O DMS H . 19.31 -9.41 12.66
C1 DMS H . 19.20 -11.74 13.93
C2 DMS H . 17.07 -10.09 13.85
S DMS I . 17.77 2.33 24.67
O DMS I . 18.01 3.87 24.76
C1 DMS I . 19.35 1.59 24.33
C2 DMS I . 17.60 1.80 26.37
S DMS J . 13.49 13.67 -1.11
O DMS J . 12.19 14.43 -1.11
C1 DMS J . 13.96 13.40 -2.82
C2 DMS J . 14.75 14.87 -0.73
S DMS K . 0.36 -18.99 8.83
O DMS K . -0.45 -19.73 7.78
C1 DMS K . 0.87 -20.24 10.00
C2 DMS K . 1.96 -18.67 8.13
S DMS L . 24.96 -7.82 6.39
O DMS L . 24.25 -6.49 6.41
C1 DMS L . 24.84 -8.49 4.73
C2 DMS L . 23.93 -8.98 7.18
S DMS M . 5.21 -20.95 6.16
O DMS M . 4.55 -19.61 6.36
C1 DMS M . 6.89 -20.64 5.67
C2 DMS M . 4.60 -21.59 4.61
S DMS N . 20.18 -1.68 16.59
O DMS N . 19.88 -0.71 17.70
C1 DMS N . 19.25 -3.16 16.94
C2 DMS N . 21.81 -2.34 16.93
P PO4 O . 19.71 10.65 17.60
O1 PO4 O . 21.05 11.43 17.57
O2 PO4 O . 19.44 10.28 19.00
O3 PO4 O . 19.85 9.40 16.64
O4 PO4 O . 18.58 11.57 17.07
#